data_1U08
#
_entry.id   1U08
#
_cell.length_a   54.400
_cell.length_b   104.310
_cell.length_c   168.380
_cell.angle_alpha   90.00
_cell.angle_beta   90.00
_cell.angle_gamma   90.00
#
_symmetry.space_group_name_H-M   'P 21 21 21'
#
loop_
_entity.id
_entity.type
_entity.pdbx_description
1 polymer 'Hypothetical aminotransferase ybdL'
2 non-polymer "PYRIDOXAL-5'-PHOSPHATE"
3 water water
#
_entity_poly.entity_id   1
_entity_poly.type   'polypeptide(L)'
_entity_poly.pdbx_seq_one_letter_code
;MTNNPLIPQSKLPQLGTTIFTQMSALAQQHQAINLSQGFPDFDGPRYLQERLAHHVAQGANQYAPMTGVQALREAIAQKT
ERLYGYQPDADSDITVTAGATEALYAAITALVRNGDEVICFDPSYDSYAPAIALSGGIVKRMALQPPHFRVDWQEFAALL
SERTRLVILNTPHNPSATVWQQADFAALWQAIAGHEIFVISDEVYEHINFSQQGHASVLAHPQLRERAVAVSSFGKTYHM
TGWKVGYCVAPAPISAEIRKVHQYLTFSVNTPAQLALADMLRAEPEHYLALPDFYRQKRDILVNALNESRLEILPCEGTY
FLLVDYSAVSTLDDVEFCQWLTQEHGVAAIPLSVFCADPFPHKLIRLCFAKKESTLLAAAERLRQL
;
_entity_poly.pdbx_strand_id   A,B
#
loop_
_chem_comp.id
_chem_comp.type
_chem_comp.name
_chem_comp.formula
PLP non-polymer PYRIDOXAL-5'-PHOSPHATE 'C8 H10 N O6 P'
#
# COMPACT_ATOMS: atom_id res chain seq x y z
N PRO A 5 2.25 11.79 28.48
CA PRO A 5 2.26 11.75 27.00
C PRO A 5 3.10 10.54 26.41
N LEU A 6 2.41 9.47 26.06
CA LEU A 6 3.12 8.32 25.46
C LEU A 6 3.94 8.56 24.14
N ILE A 7 5.26 8.35 24.14
CA ILE A 7 6.06 8.50 22.91
C ILE A 7 6.68 7.13 22.53
N PRO A 8 6.42 6.68 21.29
CA PRO A 8 6.96 5.40 20.83
C PRO A 8 8.47 5.35 20.59
N GLN A 9 9.08 4.23 20.92
CA GLN A 9 10.49 4.06 20.63
C GLN A 9 10.45 3.72 19.15
N SER A 10 11.25 4.39 18.34
CA SER A 10 11.23 4.13 16.91
C SER A 10 11.98 2.85 16.53
N LYS A 11 11.41 2.07 15.62
CA LYS A 11 12.02 0.82 15.15
C LYS A 11 12.99 1.25 14.06
N LEU A 12 13.04 2.56 13.89
CA LEU A 12 13.91 3.14 12.92
C LEU A 12 14.55 4.49 13.34
N PRO A 13 15.34 4.50 14.48
CA PRO A 13 16.09 5.63 15.07
C PRO A 13 17.02 5.95 13.93
N GLN A 14 16.50 5.81 12.73
CA GLN A 14 17.33 6.02 11.58
C GLN A 14 17.00 7.20 10.80
N LEU A 15 17.27 8.29 11.58
CA LEU A 15 17.29 9.77 11.25
C LEU A 15 16.64 10.35 9.94
N GLY A 16 16.27 9.50 9.03
CA GLY A 16 15.68 9.94 7.76
C GLY A 16 15.81 11.31 7.08
N THR A 17 15.86 11.16 5.77
CA THR A 17 15.86 12.17 4.71
C THR A 17 14.65 13.18 4.40
N THR A 18 15.08 14.34 3.95
CA THR A 18 14.19 15.45 3.57
C THR A 18 14.98 16.21 2.50
N ILE A 19 15.99 15.55 1.96
CA ILE A 19 16.82 16.15 0.91
C ILE A 19 16.05 16.49 -0.36
N PHE A 20 15.09 15.65 -0.75
CA PHE A 20 14.33 15.94 -1.98
C PHE A 20 13.33 17.09 -1.86
N THR A 21 12.58 17.15 -0.76
CA THR A 21 11.60 18.23 -0.59
C THR A 21 12.31 19.57 -0.34
N GLN A 22 13.50 19.51 0.25
CA GLN A 22 14.26 20.72 0.53
C GLN A 22 14.84 21.34 -0.74
N MET A 23 15.28 20.49 -1.66
CA MET A 23 15.85 20.98 -2.92
C MET A 23 14.77 21.69 -3.74
N SER A 24 13.57 21.10 -3.76
CA SER A 24 12.43 21.66 -4.48
C SER A 24 12.00 23.00 -3.89
N ALA A 25 12.08 23.11 -2.57
CA ALA A 25 11.69 24.34 -1.87
C ALA A 25 12.69 25.44 -2.19
N LEU A 26 13.96 25.05 -2.31
CA LEU A 26 15.02 26.00 -2.63
C LEU A 26 14.86 26.44 -4.08
N ALA A 27 14.44 25.49 -4.92
CA ALA A 27 14.25 25.75 -6.34
C ALA A 27 13.15 26.77 -6.60
N GLN A 28 12.03 26.64 -5.91
CA GLN A 28 10.93 27.57 -6.10
C GLN A 28 11.28 28.94 -5.51
N GLN A 29 12.02 28.93 -4.41
CA GLN A 29 12.42 30.18 -3.76
C GLN A 29 13.28 30.99 -4.72
N HIS A 30 14.09 30.31 -5.52
CA HIS A 30 14.96 31.00 -6.47
C HIS A 30 14.54 30.79 -7.93
N GLN A 31 13.32 30.29 -8.13
CA GLN A 31 12.80 30.05 -9.47
C GLN A 31 13.82 29.35 -10.36
N ALA A 32 14.32 28.22 -9.89
CA ALA A 32 15.30 27.44 -10.63
C ALA A 32 14.65 26.29 -11.38
N ILE A 33 15.29 25.83 -12.44
CA ILE A 33 14.76 24.71 -13.20
C ILE A 33 14.97 23.48 -12.32
N ASN A 34 13.87 22.83 -11.96
CA ASN A 34 13.92 21.67 -11.07
C ASN A 34 14.24 20.34 -11.75
N LEU A 35 15.51 19.97 -11.77
CA LEU A 35 15.95 18.71 -12.36
C LEU A 35 16.23 17.68 -11.28
N SER A 36 15.84 18.00 -10.05
CA SER A 36 16.05 17.11 -8.91
C SER A 36 14.91 16.12 -8.70
N GLN A 37 13.71 16.47 -9.15
CA GLN A 37 12.55 15.60 -8.99
C GLN A 37 12.60 14.41 -9.94
N GLY A 38 12.48 13.21 -9.37
CA GLY A 38 12.54 11.97 -10.13
C GLY A 38 11.24 11.50 -10.76
N PHE A 39 10.50 12.45 -11.32
CA PHE A 39 9.24 12.15 -11.97
C PHE A 39 8.95 13.22 -13.01
N PRO A 40 8.17 12.88 -14.04
CA PRO A 40 7.80 13.77 -15.13
C PRO A 40 7.16 15.09 -14.69
N ASP A 41 7.22 16.07 -15.58
CA ASP A 41 6.60 17.35 -15.35
C ASP A 41 5.66 17.54 -16.53
N PHE A 42 5.33 16.42 -17.17
CA PHE A 42 4.39 16.35 -18.28
C PHE A 42 3.43 15.23 -17.89
N ASP A 43 2.28 15.13 -18.56
CA ASP A 43 1.28 14.13 -18.18
C ASP A 43 1.35 12.80 -18.93
N GLY A 44 0.60 11.82 -18.44
CA GLY A 44 0.58 10.50 -19.05
C GLY A 44 -0.32 10.35 -20.26
N PRO A 45 -0.41 9.14 -20.83
CA PRO A 45 -1.24 8.87 -22.01
C PRO A 45 -2.72 9.17 -21.76
N ARG A 46 -3.33 9.86 -22.71
CA ARG A 46 -4.74 10.23 -22.62
C ARG A 46 -5.62 8.99 -22.56
N TYR A 47 -5.30 7.99 -23.36
CA TYR A 47 -6.10 6.78 -23.41
C TYR A 47 -6.20 6.07 -22.06
N LEU A 48 -5.12 6.15 -21.30
CA LEU A 48 -5.11 5.52 -19.99
C LEU A 48 -6.05 6.28 -19.07
N GLN A 49 -5.99 7.60 -19.12
CA GLN A 49 -6.85 8.42 -18.29
C GLN A 49 -8.31 8.19 -18.63
N GLU A 50 -8.61 8.08 -19.92
CA GLU A 50 -9.97 7.85 -20.39
C GLU A 50 -10.51 6.54 -19.84
N ARG A 51 -9.75 5.46 -20.01
CA ARG A 51 -10.19 4.17 -19.53
C ARG A 51 -10.39 4.14 -18.02
N LEU A 52 -9.62 4.94 -17.28
CA LEU A 52 -9.81 4.99 -15.83
C LEU A 52 -11.25 5.47 -15.60
N ALA A 53 -11.57 6.63 -16.16
CA ALA A 53 -12.90 7.23 -16.02
C ALA A 53 -13.99 6.26 -16.47
N HIS A 54 -13.70 5.51 -17.52
CA HIS A 54 -14.66 4.56 -18.04
C HIS A 54 -15.01 3.50 -16.99
N HIS A 55 -14.00 2.89 -16.39
CA HIS A 55 -14.25 1.88 -15.39
C HIS A 55 -14.90 2.41 -14.13
N VAL A 56 -14.55 3.63 -13.76
CA VAL A 56 -15.16 4.25 -12.59
C VAL A 56 -16.65 4.45 -12.88
N ALA A 57 -16.95 4.86 -14.11
CA ALA A 57 -18.32 5.11 -14.52
C ALA A 57 -19.14 3.82 -14.63
N GLN A 58 -18.49 2.72 -15.01
CA GLN A 58 -19.18 1.44 -15.12
C GLN A 58 -19.41 0.77 -13.77
N GLY A 59 -18.99 1.43 -12.69
CA GLY A 59 -19.18 0.89 -11.36
C GLY A 59 -18.16 -0.15 -10.87
N ALA A 60 -17.01 -0.23 -11.53
CA ALA A 60 -15.97 -1.17 -11.11
C ALA A 60 -15.15 -0.50 -9.99
N ASN A 61 -15.81 -0.18 -8.87
CA ASN A 61 -15.14 0.49 -7.77
C ASN A 61 -15.09 -0.24 -6.43
N GLN A 62 -15.44 -1.53 -6.43
CA GLN A 62 -15.39 -2.31 -5.20
C GLN A 62 -14.10 -3.12 -5.22
N TYR A 63 -13.73 -3.71 -4.09
CA TYR A 63 -12.50 -4.50 -3.98
C TYR A 63 -12.14 -5.37 -5.18
N ALA A 64 -10.87 -5.30 -5.57
CA ALA A 64 -10.38 -6.11 -6.67
C ALA A 64 -9.89 -7.42 -6.03
N PRO A 65 -9.52 -8.43 -6.83
CA PRO A 65 -9.05 -9.66 -6.18
C PRO A 65 -7.72 -9.36 -5.44
N MET A 66 -7.42 -10.13 -4.41
CA MET A 66 -6.19 -9.92 -3.63
C MET A 66 -4.91 -9.89 -4.46
N THR A 67 -4.81 -10.77 -5.45
CA THR A 67 -3.61 -10.83 -6.29
C THR A 67 -3.65 -9.83 -7.43
N GLY A 68 -4.77 -9.13 -7.57
CA GLY A 68 -4.90 -8.15 -8.63
C GLY A 68 -5.96 -8.57 -9.62
N VAL A 69 -6.48 -7.62 -10.39
CA VAL A 69 -7.51 -7.92 -11.38
C VAL A 69 -7.00 -8.95 -12.38
N GLN A 70 -7.81 -9.98 -12.62
CA GLN A 70 -7.47 -11.06 -13.54
C GLN A 70 -7.00 -10.57 -14.90
N ALA A 71 -7.71 -9.60 -15.46
CA ALA A 71 -7.36 -9.07 -16.77
C ALA A 71 -6.00 -8.36 -16.76
N LEU A 72 -5.61 -7.76 -15.65
CA LEU A 72 -4.33 -7.07 -15.59
C LEU A 72 -3.19 -8.09 -15.51
N ARG A 73 -3.41 -9.17 -14.75
CA ARG A 73 -2.41 -10.20 -14.59
C ARG A 73 -2.13 -10.96 -15.90
N GLU A 74 -3.16 -11.17 -16.70
CA GLU A 74 -2.98 -11.87 -17.98
C GLU A 74 -2.27 -10.93 -18.96
N ALA A 75 -2.64 -9.66 -18.96
CA ALA A 75 -2.00 -8.69 -19.86
C ALA A 75 -0.51 -8.58 -19.50
N ILE A 76 -0.19 -8.68 -18.22
CA ILE A 76 1.19 -8.62 -17.78
C ILE A 76 1.90 -9.90 -18.23
N ALA A 77 1.19 -11.02 -18.13
CA ALA A 77 1.74 -12.32 -18.51
C ALA A 77 2.11 -12.35 -19.99
N GLN A 78 1.19 -11.92 -20.86
CA GLN A 78 1.48 -11.91 -22.28
C GLN A 78 2.52 -10.86 -22.65
N LYS A 79 2.62 -9.79 -21.86
CA LYS A 79 3.59 -8.75 -22.13
C LYS A 79 4.99 -9.27 -21.82
N THR A 80 5.11 -10.01 -20.72
CA THR A 80 6.37 -10.58 -20.29
C THR A 80 6.87 -11.58 -21.34
N GLU A 81 5.95 -12.38 -21.85
CA GLU A 81 6.24 -13.40 -22.84
C GLU A 81 6.81 -12.77 -24.11
N ARG A 82 6.20 -11.68 -24.56
CA ARG A 82 6.64 -11.01 -25.78
C ARG A 82 7.98 -10.31 -25.62
N LEU A 83 8.20 -9.72 -24.44
CA LEU A 83 9.44 -8.99 -24.17
C LEU A 83 10.68 -9.83 -23.91
N TYR A 84 10.60 -10.69 -22.91
CA TYR A 84 11.75 -11.48 -22.52
C TYR A 84 11.73 -12.94 -22.97
N GLY A 85 10.65 -13.34 -23.65
CA GLY A 85 10.59 -14.70 -24.15
C GLY A 85 10.13 -15.82 -23.24
N TYR A 86 9.40 -15.49 -22.18
CA TYR A 86 8.92 -16.52 -21.26
C TYR A 86 7.58 -16.08 -20.71
N GLN A 87 6.64 -17.02 -20.61
CA GLN A 87 5.31 -16.69 -20.12
C GLN A 87 5.05 -17.20 -18.71
N PRO A 88 4.98 -16.28 -17.74
CA PRO A 88 4.73 -16.62 -16.35
C PRO A 88 3.27 -17.06 -16.21
N ASP A 89 2.94 -17.74 -15.13
CA ASP A 89 1.56 -18.13 -14.95
C ASP A 89 0.83 -16.90 -14.41
N ALA A 90 -0.25 -16.51 -15.09
CA ALA A 90 -1.03 -15.34 -14.71
C ALA A 90 -1.67 -15.42 -13.33
N ASP A 91 -2.11 -16.62 -12.96
CA ASP A 91 -2.76 -16.80 -11.68
C ASP A 91 -1.84 -16.92 -10.47
N SER A 92 -0.72 -17.63 -10.64
CA SER A 92 0.18 -17.85 -9.52
C SER A 92 1.49 -17.08 -9.49
N ASP A 93 1.92 -16.55 -10.62
CA ASP A 93 3.21 -15.85 -10.66
C ASP A 93 3.22 -14.32 -10.65
N ILE A 94 2.08 -13.69 -10.94
CA ILE A 94 2.01 -12.24 -10.97
C ILE A 94 1.18 -11.65 -9.83
N THR A 95 1.69 -10.60 -9.20
CA THR A 95 0.98 -9.95 -8.09
C THR A 95 0.98 -8.42 -8.20
N VAL A 96 -0.21 -7.84 -8.37
CA VAL A 96 -0.33 -6.40 -8.47
C VAL A 96 -0.25 -5.76 -7.09
N THR A 97 0.51 -4.67 -7.01
CA THR A 97 0.70 -3.97 -5.74
C THR A 97 0.49 -2.46 -5.91
N ALA A 98 0.27 -1.75 -4.80
CA ALA A 98 0.06 -0.30 -4.87
C ALA A 98 1.38 0.40 -5.09
N GLY A 99 1.95 0.23 -6.27
CA GLY A 99 3.23 0.83 -6.60
C GLY A 99 4.35 -0.19 -6.45
N ALA A 100 5.46 0.03 -7.15
CA ALA A 100 6.60 -0.87 -7.08
C ALA A 100 7.09 -0.89 -5.65
N THR A 101 6.89 0.23 -4.96
CA THR A 101 7.32 0.37 -3.58
C THR A 101 6.72 -0.71 -2.69
N GLU A 102 5.43 -0.98 -2.85
CA GLU A 102 4.81 -2.02 -2.05
C GLU A 102 5.26 -3.41 -2.52
N ALA A 103 5.56 -3.54 -3.81
CA ALA A 103 6.03 -4.81 -4.33
C ALA A 103 7.39 -5.13 -3.72
N LEU A 104 8.21 -4.09 -3.52
CA LEU A 104 9.53 -4.23 -2.94
C LEU A 104 9.44 -4.51 -1.45
N TYR A 105 8.56 -3.81 -0.74
CA TYR A 105 8.40 -4.02 0.68
C TYR A 105 7.87 -5.43 0.95
N ALA A 106 6.90 -5.85 0.15
CA ALA A 106 6.29 -7.16 0.29
C ALA A 106 7.28 -8.28 0.01
N ALA A 107 8.03 -8.16 -1.09
CA ALA A 107 9.01 -9.17 -1.45
C ALA A 107 10.11 -9.26 -0.38
N ILE A 108 10.57 -8.10 0.08
CA ILE A 108 11.60 -8.03 1.11
C ILE A 108 11.11 -8.55 2.45
N THR A 109 9.86 -8.26 2.81
CA THR A 109 9.29 -8.69 4.07
C THR A 109 8.99 -10.20 4.07
N ALA A 110 8.69 -10.73 2.90
CA ALA A 110 8.37 -12.15 2.80
C ALA A 110 9.58 -13.07 2.80
N LEU A 111 10.74 -12.55 2.39
CA LEU A 111 11.95 -13.36 2.30
C LEU A 111 13.02 -13.11 3.36
N VAL A 112 12.98 -11.96 4.02
CA VAL A 112 13.99 -11.67 5.02
C VAL A 112 13.56 -11.99 6.45
N ARG A 113 14.26 -12.93 7.09
CA ARG A 113 13.96 -13.28 8.47
C ARG A 113 15.00 -12.56 9.32
N ASN A 114 14.81 -12.53 10.63
CA ASN A 114 15.77 -11.88 11.51
C ASN A 114 17.16 -12.44 11.28
N GLY A 115 18.16 -11.55 11.25
CA GLY A 115 19.51 -12.00 11.06
C GLY A 115 19.95 -12.25 9.62
N ASP A 116 19.00 -12.47 8.70
CA ASP A 116 19.37 -12.69 7.31
C ASP A 116 20.20 -11.52 6.79
N GLU A 117 21.13 -11.81 5.88
CA GLU A 117 21.95 -10.76 5.28
C GLU A 117 21.47 -10.52 3.86
N VAL A 118 21.34 -9.24 3.51
CA VAL A 118 20.90 -8.84 2.18
C VAL A 118 21.99 -7.99 1.54
N ILE A 119 22.40 -8.38 0.34
CA ILE A 119 23.43 -7.65 -0.39
C ILE A 119 22.79 -6.56 -1.24
N CYS A 120 23.24 -5.33 -1.07
CA CYS A 120 22.71 -4.21 -1.82
C CYS A 120 23.84 -3.46 -2.51
N PHE A 121 23.50 -2.64 -3.51
CA PHE A 121 24.51 -1.89 -4.23
C PHE A 121 24.34 -0.36 -4.12
N ASP A 122 25.36 0.30 -3.60
CA ASP A 122 25.34 1.76 -3.51
C ASP A 122 26.04 2.28 -4.77
N PRO A 123 25.63 3.45 -5.28
CA PRO A 123 24.55 4.33 -4.81
C PRO A 123 23.22 3.59 -4.93
N SER A 124 22.32 3.79 -3.97
CA SER A 124 21.06 3.06 -4.00
C SER A 124 19.76 3.84 -3.78
N TYR A 125 18.68 3.27 -4.30
CA TYR A 125 17.34 3.83 -4.12
C TYR A 125 17.17 3.68 -2.61
N ASP A 126 16.71 4.72 -1.93
CA ASP A 126 16.60 4.66 -0.48
C ASP A 126 15.58 3.76 0.21
N SER A 127 14.70 3.11 -0.53
CA SER A 127 13.68 2.29 0.13
C SER A 127 14.04 0.86 0.50
N TYR A 128 15.11 0.30 -0.07
CA TYR A 128 15.48 -1.07 0.24
C TYR A 128 15.92 -1.27 1.69
N ALA A 129 16.89 -0.47 2.12
CA ALA A 129 17.44 -0.57 3.46
C ALA A 129 16.41 -0.61 4.61
N PRO A 130 15.53 0.39 4.71
CA PRO A 130 14.54 0.38 5.80
C PRO A 130 13.61 -0.82 5.84
N ALA A 131 13.22 -1.33 4.68
CA ALA A 131 12.34 -2.49 4.63
C ALA A 131 13.08 -3.69 5.18
N ILE A 132 14.36 -3.79 4.85
CA ILE A 132 15.17 -4.89 5.34
C ILE A 132 15.28 -4.78 6.86
N ALA A 133 15.57 -3.59 7.35
CA ALA A 133 15.69 -3.38 8.79
C ALA A 133 14.43 -3.77 9.57
N LEU A 134 13.26 -3.39 9.06
CA LEU A 134 12.00 -3.72 9.72
C LEU A 134 11.78 -5.24 9.87
N SER A 135 12.42 -6.02 9.00
CA SER A 135 12.30 -7.47 9.09
C SER A 135 13.45 -8.02 9.90
N GLY A 136 14.28 -7.11 10.42
CA GLY A 136 15.43 -7.50 11.21
C GLY A 136 16.59 -8.07 10.40
N GLY A 137 16.64 -7.75 9.11
CA GLY A 137 17.71 -8.24 8.25
C GLY A 137 18.96 -7.37 8.28
N ILE A 138 20.08 -7.93 7.87
CA ILE A 138 21.33 -7.18 7.85
C ILE A 138 21.75 -6.80 6.43
N VAL A 139 21.96 -5.51 6.22
CA VAL A 139 22.35 -4.97 4.92
C VAL A 139 23.86 -5.02 4.70
N LYS A 140 24.26 -5.62 3.58
CA LYS A 140 25.67 -5.73 3.20
C LYS A 140 25.81 -4.97 1.89
N ARG A 141 26.47 -3.82 1.94
CA ARG A 141 26.64 -2.98 0.76
C ARG A 141 27.91 -3.09 -0.07
N MET A 142 27.71 -3.00 -1.38
CA MET A 142 28.79 -2.99 -2.37
C MET A 142 28.79 -1.54 -2.81
N ALA A 143 29.97 -0.94 -2.95
CA ALA A 143 30.04 0.45 -3.39
C ALA A 143 30.45 0.48 -4.85
N LEU A 144 29.47 0.56 -5.75
CA LEU A 144 29.77 0.62 -7.17
C LEU A 144 30.56 1.91 -7.39
N GLN A 145 31.59 1.84 -8.23
CA GLN A 145 32.45 3.00 -8.49
C GLN A 145 32.29 3.66 -9.87
N PRO A 146 32.37 5.01 -9.91
CA PRO A 146 32.25 5.68 -11.20
C PRO A 146 33.54 5.36 -11.97
N PRO A 147 33.55 5.59 -13.28
CA PRO A 147 32.49 6.13 -14.13
C PRO A 147 31.47 5.09 -14.62
N HIS A 148 31.84 3.82 -14.60
CA HIS A 148 30.94 2.79 -15.09
C HIS A 148 30.11 1.99 -14.09
N PHE A 149 30.35 2.19 -12.81
CA PHE A 149 29.60 1.51 -11.76
C PHE A 149 29.38 0.02 -11.98
N ARG A 150 30.42 -0.66 -12.44
CA ARG A 150 30.34 -2.08 -12.71
C ARG A 150 30.57 -2.89 -11.45
N VAL A 151 29.85 -3.99 -11.33
CA VAL A 151 29.96 -4.87 -10.17
C VAL A 151 31.33 -5.57 -10.11
N ASP A 152 31.94 -5.50 -8.93
CA ASP A 152 33.23 -6.15 -8.67
C ASP A 152 32.89 -7.53 -8.13
N TRP A 153 32.87 -8.53 -9.01
CA TRP A 153 32.50 -9.86 -8.59
C TRP A 153 33.35 -10.51 -7.51
N GLN A 154 34.57 -10.00 -7.32
CA GLN A 154 35.43 -10.54 -6.28
C GLN A 154 34.93 -9.96 -4.96
N GLU A 155 34.63 -8.66 -4.99
CA GLU A 155 34.13 -7.96 -3.82
C GLU A 155 32.79 -8.60 -3.42
N PHE A 156 31.99 -8.97 -4.43
CA PHE A 156 30.71 -9.60 -4.21
C PHE A 156 30.92 -10.94 -3.54
N ALA A 157 31.77 -11.78 -4.14
CA ALA A 157 32.06 -13.10 -3.60
C ALA A 157 32.50 -13.02 -2.15
N ALA A 158 33.22 -11.95 -1.82
CA ALA A 158 33.70 -11.75 -0.46
C ALA A 158 32.55 -11.48 0.50
N LEU A 159 31.52 -10.79 0.02
CA LEU A 159 30.36 -10.46 0.87
C LEU A 159 29.46 -11.65 1.19
N LEU A 160 29.48 -12.69 0.35
CA LEU A 160 28.65 -13.85 0.59
C LEU A 160 28.99 -14.53 1.90
N SER A 161 28.00 -15.20 2.49
CA SER A 161 28.17 -15.93 3.74
C SER A 161 27.02 -16.93 3.87
N GLU A 162 27.03 -17.69 4.96
CA GLU A 162 25.97 -18.66 5.19
C GLU A 162 24.67 -17.98 5.58
N ARG A 163 24.74 -16.68 5.85
CA ARG A 163 23.56 -15.91 6.25
C ARG A 163 23.01 -15.01 5.14
N THR A 164 23.69 -14.99 4.00
CA THR A 164 23.24 -14.20 2.86
C THR A 164 21.99 -14.89 2.34
N ARG A 165 20.89 -14.15 2.36
CA ARG A 165 19.58 -14.66 1.94
C ARG A 165 19.05 -13.97 0.71
N LEU A 166 19.56 -12.78 0.43
CA LEU A 166 19.02 -12.03 -0.68
C LEU A 166 19.96 -11.00 -1.32
N VAL A 167 19.78 -10.81 -2.63
CA VAL A 167 20.53 -9.82 -3.40
C VAL A 167 19.52 -8.88 -4.04
N ILE A 168 19.64 -7.58 -3.77
CA ILE A 168 18.72 -6.62 -4.37
C ILE A 168 19.50 -5.78 -5.38
N LEU A 169 19.12 -5.89 -6.65
CA LEU A 169 19.77 -5.15 -7.71
C LEU A 169 18.71 -4.32 -8.42
N ASN A 170 19.12 -3.16 -8.90
CA ASN A 170 18.21 -2.24 -9.57
C ASN A 170 18.73 -1.97 -10.99
N THR A 171 17.98 -2.40 -12.00
CA THR A 171 18.40 -2.17 -13.38
C THR A 171 17.23 -1.95 -14.33
N PRO A 172 17.24 -0.84 -15.08
CA PRO A 172 18.28 0.21 -15.07
C PRO A 172 18.46 0.78 -13.67
N HIS A 173 19.68 1.24 -13.40
CA HIS A 173 20.02 1.75 -12.09
C HIS A 173 19.80 3.22 -11.77
N ASN A 174 18.98 3.46 -10.75
CA ASN A 174 18.73 4.79 -10.23
C ASN A 174 19.61 4.74 -8.99
N PRO A 175 20.48 5.74 -8.78
CA PRO A 175 20.74 6.95 -9.56
C PRO A 175 21.89 6.96 -10.57
N SER A 176 22.64 5.87 -10.71
CA SER A 176 23.79 5.91 -11.64
C SER A 176 23.49 5.89 -13.13
N ALA A 177 22.27 5.54 -13.51
CA ALA A 177 21.90 5.49 -14.92
C ALA A 177 22.63 4.38 -15.71
N THR A 178 23.18 3.39 -15.00
CA THR A 178 23.84 2.27 -15.65
C THR A 178 22.90 1.07 -15.65
N VAL A 179 23.21 0.05 -16.44
CA VAL A 179 22.34 -1.12 -16.51
C VAL A 179 23.12 -2.42 -16.45
N TRP A 180 22.39 -3.48 -16.14
CA TRP A 180 22.97 -4.81 -16.07
C TRP A 180 22.80 -5.44 -17.44
N GLN A 181 23.89 -6.04 -17.94
CA GLN A 181 23.86 -6.70 -19.22
C GLN A 181 23.61 -8.16 -19.00
N GLN A 182 23.43 -8.89 -20.09
CA GLN A 182 23.19 -10.32 -20.07
C GLN A 182 24.30 -11.07 -19.32
N ALA A 183 25.54 -10.64 -19.54
CA ALA A 183 26.69 -11.27 -18.90
C ALA A 183 26.76 -11.01 -17.40
N ASP A 184 26.14 -9.91 -16.97
CA ASP A 184 26.13 -9.55 -15.55
C ASP A 184 25.21 -10.48 -14.79
N PHE A 185 24.11 -10.87 -15.44
CA PHE A 185 23.18 -11.79 -14.83
C PHE A 185 23.79 -13.19 -14.86
N ALA A 186 24.63 -13.44 -15.85
CA ALA A 186 25.31 -14.72 -15.99
C ALA A 186 26.32 -14.84 -14.86
N ALA A 187 26.99 -13.73 -14.58
CA ALA A 187 27.96 -13.68 -13.50
C ALA A 187 27.22 -13.86 -12.16
N LEU A 188 26.07 -13.21 -12.03
CA LEU A 188 25.30 -13.32 -10.77
C LEU A 188 24.91 -14.76 -10.48
N TRP A 189 24.45 -15.47 -11.50
CA TRP A 189 24.06 -16.86 -11.32
C TRP A 189 25.26 -17.70 -10.88
N GLN A 190 26.40 -17.52 -11.54
CA GLN A 190 27.59 -18.29 -11.19
C GLN A 190 27.98 -18.05 -9.74
N ALA A 191 27.82 -16.80 -9.30
CA ALA A 191 28.17 -16.40 -7.95
C ALA A 191 27.27 -16.92 -6.84
N ILE A 192 25.97 -17.04 -7.10
CA ILE A 192 25.04 -17.48 -6.06
C ILE A 192 24.44 -18.88 -6.28
N ALA A 193 24.71 -19.47 -7.43
CA ALA A 193 24.18 -20.78 -7.78
C ALA A 193 24.17 -21.87 -6.69
N GLY A 194 25.18 -21.88 -5.83
CA GLY A 194 25.22 -22.90 -4.80
C GLY A 194 24.65 -22.55 -3.44
N HIS A 195 24.11 -21.34 -3.29
CA HIS A 195 23.57 -20.93 -2.00
C HIS A 195 22.07 -20.65 -2.03
N GLU A 196 21.44 -20.62 -0.86
CA GLU A 196 20.01 -20.36 -0.77
C GLU A 196 19.84 -18.85 -0.85
N ILE A 197 20.20 -18.26 -1.98
CA ILE A 197 20.11 -16.83 -2.15
C ILE A 197 19.04 -16.44 -3.18
N PHE A 198 18.04 -15.70 -2.71
CA PHE A 198 16.98 -15.24 -3.58
C PHE A 198 17.41 -13.92 -4.19
N VAL A 199 16.79 -13.54 -5.28
CA VAL A 199 17.11 -12.28 -5.94
C VAL A 199 15.86 -11.44 -6.19
N ILE A 200 16.00 -10.13 -5.96
CA ILE A 200 14.92 -9.19 -6.21
C ILE A 200 15.51 -8.18 -7.19
N SER A 201 14.94 -8.12 -8.38
CA SER A 201 15.42 -7.21 -9.41
C SER A 201 14.46 -6.05 -9.59
N ASP A 202 14.89 -4.87 -9.17
CA ASP A 202 14.07 -3.66 -9.29
C ASP A 202 14.22 -3.21 -10.74
N GLU A 203 13.23 -3.56 -11.56
CA GLU A 203 13.24 -3.21 -12.98
C GLU A 203 12.17 -2.18 -13.37
N VAL A 204 11.89 -1.24 -12.48
CA VAL A 204 10.89 -0.21 -12.77
C VAL A 204 11.21 0.59 -14.05
N TYR A 205 12.47 0.75 -14.37
CA TYR A 205 12.88 1.48 -15.58
C TYR A 205 13.18 0.54 -16.75
N GLU A 206 12.57 -0.64 -16.77
CA GLU A 206 12.82 -1.61 -17.83
C GLU A 206 12.54 -1.09 -19.23
N HIS A 207 11.64 -0.11 -19.33
CA HIS A 207 11.31 0.44 -20.64
C HIS A 207 12.09 1.68 -20.99
N ILE A 208 13.14 1.94 -20.22
CA ILE A 208 14.00 3.08 -20.47
C ILE A 208 15.45 2.63 -20.52
N ASN A 209 15.70 1.65 -21.38
CA ASN A 209 17.04 1.11 -21.58
C ASN A 209 17.44 1.55 -22.97
N PHE A 210 18.56 2.25 -23.08
CA PHE A 210 19.02 2.76 -24.37
C PHE A 210 19.93 1.80 -25.11
N SER A 211 20.05 0.57 -24.61
CA SER A 211 20.91 -0.44 -25.23
C SER A 211 20.40 -0.85 -26.59
N GLN A 212 21.34 -1.35 -27.40
CA GLN A 212 21.05 -1.83 -28.72
C GLN A 212 20.37 -3.20 -28.54
N GLN A 213 20.87 -3.98 -27.58
CA GLN A 213 20.31 -5.30 -27.30
C GLN A 213 18.98 -5.12 -26.57
N GLY A 214 18.85 -3.99 -25.89
CA GLY A 214 17.64 -3.70 -25.14
C GLY A 214 17.80 -4.07 -23.67
N HIS A 215 16.72 -3.95 -22.92
CA HIS A 215 16.72 -4.26 -21.49
C HIS A 215 16.94 -5.73 -21.18
N ALA A 216 17.95 -6.03 -20.37
CA ALA A 216 18.23 -7.39 -19.95
C ALA A 216 17.49 -7.57 -18.63
N SER A 217 16.58 -8.54 -18.59
CA SER A 217 15.80 -8.79 -17.40
C SER A 217 16.22 -10.06 -16.70
N VAL A 218 16.03 -10.09 -15.38
CA VAL A 218 16.35 -11.28 -14.60
C VAL A 218 15.44 -12.40 -15.10
N LEU A 219 14.29 -12.02 -15.64
CA LEU A 219 13.30 -12.97 -16.17
C LEU A 219 13.77 -13.67 -17.44
N ALA A 220 14.83 -13.15 -18.07
CA ALA A 220 15.34 -13.76 -19.30
C ALA A 220 16.35 -14.85 -18.99
N HIS A 221 16.77 -14.95 -17.73
CA HIS A 221 17.73 -15.96 -17.33
C HIS A 221 16.98 -17.14 -16.75
N PRO A 222 16.98 -18.28 -17.46
CA PRO A 222 16.30 -19.52 -17.07
C PRO A 222 16.48 -19.97 -15.62
N GLN A 223 17.69 -19.86 -15.09
CA GLN A 223 17.96 -20.29 -13.73
C GLN A 223 17.67 -19.25 -12.65
N LEU A 224 18.16 -18.03 -12.85
CA LEU A 224 17.93 -16.96 -11.88
C LEU A 224 16.43 -16.75 -11.68
N ARG A 225 15.70 -16.93 -12.76
CA ARG A 225 14.26 -16.77 -12.81
C ARG A 225 13.49 -17.56 -11.75
N GLU A 226 13.77 -18.85 -11.59
CA GLU A 226 13.05 -19.66 -10.62
C GLU A 226 13.44 -19.42 -9.17
N ARG A 227 14.17 -18.33 -8.92
CA ARG A 227 14.57 -17.96 -7.57
C ARG A 227 14.60 -16.43 -7.44
N ALA A 228 13.98 -15.75 -8.39
CA ALA A 228 13.98 -14.30 -8.36
C ALA A 228 12.62 -13.62 -8.43
N VAL A 229 12.63 -12.33 -8.10
CA VAL A 229 11.45 -11.49 -8.13
C VAL A 229 11.76 -10.25 -8.97
N ALA A 230 11.00 -10.05 -10.04
CA ALA A 230 11.18 -8.87 -10.88
C ALA A 230 10.10 -7.88 -10.47
N VAL A 231 10.49 -6.63 -10.23
CA VAL A 231 9.54 -5.60 -9.81
C VAL A 231 9.35 -4.55 -10.89
N SER A 232 8.08 -4.27 -11.18
CA SER A 232 7.74 -3.28 -12.19
C SER A 232 6.87 -2.17 -11.62
N SER A 233 6.86 -1.04 -12.32
CA SER A 233 6.06 0.11 -11.92
C SER A 233 5.37 0.71 -13.14
N PHE A 234 4.04 0.72 -13.12
CA PHE A 234 3.27 1.31 -14.21
C PHE A 234 3.38 2.83 -14.13
N GLY A 235 3.55 3.35 -12.91
CA GLY A 235 3.67 4.79 -12.74
C GLY A 235 4.88 5.36 -13.45
N LYS A 236 5.95 4.58 -13.48
CA LYS A 236 7.16 5.00 -14.14
C LYS A 236 7.03 4.89 -15.65
N THR A 237 6.42 3.80 -16.11
CA THR A 237 6.25 3.55 -17.54
C THR A 237 5.25 4.49 -18.23
N TYR A 238 4.16 4.82 -17.54
CA TYR A 238 3.14 5.68 -18.13
C TYR A 238 3.11 7.13 -17.66
N HIS A 239 4.26 7.62 -17.19
CA HIS A 239 4.40 9.02 -16.76
C HIS A 239 3.44 9.55 -15.70
N MET A 240 2.84 8.67 -14.92
CA MET A 240 1.93 9.13 -13.88
C MET A 240 2.30 8.43 -12.59
N THR A 241 3.32 8.97 -11.94
CA THR A 241 3.83 8.40 -10.70
C THR A 241 2.83 8.40 -9.54
N GLY A 242 1.83 9.26 -9.61
CA GLY A 242 0.84 9.34 -8.55
C GLY A 242 -0.24 8.27 -8.58
N TRP A 243 -0.22 7.43 -9.61
CA TRP A 243 -1.24 6.39 -9.72
C TRP A 243 -0.89 5.17 -8.88
N LYS A 244 0.37 5.07 -8.49
CA LYS A 244 0.82 3.99 -7.62
C LYS A 244 0.28 2.60 -7.92
N VAL A 245 0.69 2.04 -9.06
CA VAL A 245 0.29 0.69 -9.42
C VAL A 245 1.52 -0.01 -9.98
N GLY A 246 1.95 -1.07 -9.30
CA GLY A 246 3.10 -1.83 -9.74
C GLY A 246 2.78 -3.32 -9.65
N TYR A 247 3.81 -4.15 -9.73
CA TYR A 247 3.61 -5.59 -9.63
C TYR A 247 4.94 -6.33 -9.61
N CYS A 248 4.90 -7.61 -9.22
CA CYS A 248 6.10 -8.42 -9.20
C CYS A 248 5.84 -9.79 -9.83
N VAL A 249 6.87 -10.31 -10.49
CA VAL A 249 6.80 -11.61 -11.16
C VAL A 249 7.74 -12.56 -10.43
N ALA A 250 7.22 -13.71 -10.01
CA ALA A 250 8.03 -14.68 -9.31
C ALA A 250 7.39 -16.06 -9.37
N PRO A 251 8.19 -17.12 -9.12
CA PRO A 251 7.70 -18.50 -9.14
C PRO A 251 6.57 -18.66 -8.13
N ALA A 252 5.61 -19.53 -8.44
CA ALA A 252 4.46 -19.76 -7.57
C ALA A 252 4.78 -19.79 -6.07
N PRO A 253 5.83 -20.52 -5.67
CA PRO A 253 6.21 -20.60 -4.26
C PRO A 253 6.63 -19.27 -3.65
N ILE A 254 7.34 -18.46 -4.41
CA ILE A 254 7.80 -17.16 -3.92
C ILE A 254 6.65 -16.16 -3.96
N SER A 255 5.85 -16.23 -5.02
CA SER A 255 4.70 -15.34 -5.14
C SER A 255 3.72 -15.65 -4.03
N ALA A 256 3.60 -16.93 -3.68
CA ALA A 256 2.69 -17.35 -2.62
C ALA A 256 3.02 -16.61 -1.33
N GLU A 257 4.31 -16.40 -1.07
CA GLU A 257 4.73 -15.71 0.15
C GLU A 257 4.64 -14.20 0.03
N ILE A 258 4.90 -13.67 -1.16
CA ILE A 258 4.79 -12.23 -1.36
C ILE A 258 3.33 -11.87 -1.08
N ARG A 259 2.45 -12.69 -1.60
CA ARG A 259 1.02 -12.51 -1.46
C ARG A 259 0.52 -12.55 -0.02
N LYS A 260 1.12 -13.42 0.79
CA LYS A 260 0.70 -13.52 2.20
C LYS A 260 0.96 -12.22 2.93
N VAL A 261 2.00 -11.50 2.51
CA VAL A 261 2.35 -10.23 3.13
C VAL A 261 1.49 -9.11 2.55
N HIS A 262 1.49 -8.99 1.23
CA HIS A 262 0.73 -7.98 0.52
C HIS A 262 -0.73 -7.92 0.96
N GLN A 263 -1.31 -9.09 1.17
CA GLN A 263 -2.70 -9.23 1.58
C GLN A 263 -3.08 -8.52 2.88
N TYR A 264 -2.10 -8.34 3.76
CA TYR A 264 -2.38 -7.66 5.02
C TYR A 264 -1.76 -6.27 5.01
N LEU A 265 -1.08 -5.96 3.91
CA LEU A 265 -0.44 -4.65 3.73
C LEU A 265 -1.49 -3.67 3.19
N THR A 266 -2.06 -4.01 2.03
CA THR A 266 -3.08 -3.20 1.36
C THR A 266 -4.24 -4.09 0.92
N PHE A 267 -3.99 -5.39 0.88
CA PHE A 267 -4.98 -6.39 0.45
C PHE A 267 -5.25 -6.30 -1.04
N SER A 268 -5.82 -5.19 -1.48
CA SER A 268 -6.11 -5.00 -2.89
C SER A 268 -5.69 -3.60 -3.32
N VAL A 269 -5.62 -3.40 -4.62
CA VAL A 269 -5.19 -2.13 -5.19
C VAL A 269 -6.32 -1.50 -6.04
N ASN A 270 -6.31 -0.17 -6.12
CA ASN A 270 -7.27 0.61 -6.90
C ASN A 270 -7.80 -0.21 -8.09
N THR A 271 -9.06 -0.64 -8.00
CA THR A 271 -9.68 -1.47 -9.03
C THR A 271 -9.85 -0.84 -10.42
N PRO A 272 -10.43 0.36 -10.49
CA PRO A 272 -10.58 0.94 -11.82
C PRO A 272 -9.25 1.25 -12.50
N ALA A 273 -8.23 1.56 -11.70
CA ALA A 273 -6.91 1.85 -12.26
C ALA A 273 -6.30 0.60 -12.90
N GLN A 274 -6.46 -0.54 -12.24
CA GLN A 274 -5.95 -1.82 -12.75
C GLN A 274 -6.57 -2.19 -14.07
N LEU A 275 -7.87 -1.99 -14.19
CA LEU A 275 -8.60 -2.29 -15.43
C LEU A 275 -8.14 -1.32 -16.52
N ALA A 276 -7.93 -0.05 -16.15
CA ALA A 276 -7.48 0.97 -17.09
C ALA A 276 -6.12 0.57 -17.65
N LEU A 277 -5.22 0.14 -16.75
CA LEU A 277 -3.89 -0.27 -17.16
C LEU A 277 -3.91 -1.48 -18.08
N ALA A 278 -4.76 -2.46 -17.78
CA ALA A 278 -4.86 -3.66 -18.62
C ALA A 278 -5.27 -3.27 -20.03
N ASP A 279 -6.19 -2.31 -20.12
CA ASP A 279 -6.64 -1.84 -21.43
C ASP A 279 -5.46 -1.23 -22.16
N MET A 280 -4.73 -0.37 -21.47
CA MET A 280 -3.57 0.31 -22.05
C MET A 280 -2.52 -0.69 -22.56
N LEU A 281 -2.29 -1.76 -21.80
CA LEU A 281 -1.32 -2.78 -22.19
C LEU A 281 -1.76 -3.50 -23.46
N ARG A 282 -3.01 -3.91 -23.51
CA ARG A 282 -3.54 -4.62 -24.68
C ARG A 282 -3.65 -3.71 -25.90
N ALA A 283 -4.24 -2.53 -25.70
CA ALA A 283 -4.47 -1.56 -26.77
C ALA A 283 -3.25 -0.91 -27.39
N GLU A 284 -2.35 -0.39 -26.57
CA GLU A 284 -1.19 0.28 -27.10
C GLU A 284 0.15 -0.20 -26.59
N PRO A 285 0.56 -1.42 -26.98
CA PRO A 285 1.83 -2.01 -26.56
C PRO A 285 3.02 -1.19 -27.06
N GLU A 286 2.80 -0.39 -28.10
CA GLU A 286 3.86 0.41 -28.68
C GLU A 286 4.32 1.53 -27.77
N HIS A 287 3.51 1.87 -26.77
CA HIS A 287 3.87 2.94 -25.85
C HIS A 287 5.19 2.67 -25.12
N TYR A 288 5.41 1.44 -24.67
CA TYR A 288 6.65 1.11 -23.98
C TYR A 288 7.77 0.72 -24.94
N LEU A 289 7.41 0.25 -26.13
CA LEU A 289 8.40 -0.14 -27.12
C LEU A 289 9.12 1.09 -27.67
N ALA A 290 8.44 2.22 -27.65
CA ALA A 290 9.02 3.46 -28.16
C ALA A 290 9.58 4.36 -27.05
N LEU A 291 9.49 3.92 -25.80
CA LEU A 291 9.99 4.73 -24.67
C LEU A 291 11.49 5.02 -24.73
N PRO A 292 12.32 4.04 -25.13
CA PRO A 292 13.75 4.34 -25.20
C PRO A 292 14.03 5.51 -26.13
N ASP A 293 13.57 5.41 -27.38
CA ASP A 293 13.78 6.51 -28.32
C ASP A 293 13.14 7.79 -27.81
N PHE A 294 12.03 7.66 -27.10
CA PHE A 294 11.34 8.82 -26.54
C PHE A 294 12.23 9.52 -25.53
N TYR A 295 12.93 8.75 -24.70
CA TYR A 295 13.80 9.33 -23.69
C TYR A 295 15.20 9.66 -24.16
N ARG A 296 15.68 8.96 -25.19
CA ARG A 296 17.03 9.21 -25.71
C ARG A 296 17.08 10.64 -26.25
N GLN A 297 15.98 11.10 -26.82
CA GLN A 297 15.86 12.46 -27.38
C GLN A 297 15.97 13.51 -26.30
N LYS A 298 15.35 13.25 -25.15
CA LYS A 298 15.39 14.19 -24.04
C LYS A 298 16.79 14.17 -23.41
N ARG A 299 17.34 12.97 -23.27
CA ARG A 299 18.68 12.80 -22.71
C ARG A 299 19.70 13.60 -23.54
N ASP A 300 19.67 13.39 -24.85
CA ASP A 300 20.60 14.05 -25.76
C ASP A 300 20.54 15.58 -25.74
N ILE A 301 19.39 16.14 -25.35
CA ILE A 301 19.32 17.60 -25.27
C ILE A 301 20.33 18.06 -24.22
N LEU A 302 20.37 17.34 -23.10
CA LEU A 302 21.28 17.68 -22.01
C LEU A 302 22.71 17.29 -22.36
N VAL A 303 22.87 16.17 -23.04
CA VAL A 303 24.20 15.69 -23.43
C VAL A 303 24.91 16.66 -24.38
N ASN A 304 24.18 17.19 -25.36
CA ASN A 304 24.79 18.13 -26.30
C ASN A 304 25.05 19.48 -25.66
N ALA A 305 24.11 19.93 -24.83
CA ALA A 305 24.21 21.21 -24.14
C ALA A 305 25.51 21.33 -23.34
N LEU A 306 25.77 20.36 -22.46
CA LEU A 306 26.96 20.38 -21.62
C LEU A 306 28.24 19.88 -22.28
N ASN A 307 28.17 19.62 -23.59
CA ASN A 307 29.34 19.13 -24.34
C ASN A 307 30.30 20.29 -24.63
N GLU A 308 29.95 21.49 -24.18
CA GLU A 308 30.79 22.66 -24.39
C GLU A 308 30.94 23.41 -23.09
N SER A 309 30.09 23.03 -22.13
CA SER A 309 30.13 23.57 -20.81
C SER A 309 31.37 22.87 -20.28
N ARG A 310 31.85 23.24 -19.10
CA ARG A 310 33.05 22.57 -18.60
C ARG A 310 32.69 21.37 -17.76
N LEU A 311 31.39 21.21 -17.52
CA LEU A 311 30.86 20.09 -16.76
C LEU A 311 31.01 18.88 -17.67
N GLU A 312 31.22 17.70 -17.10
CA GLU A 312 31.36 16.48 -17.89
C GLU A 312 30.15 15.59 -17.65
N ILE A 313 29.85 14.69 -18.58
CA ILE A 313 28.73 13.78 -18.41
C ILE A 313 29.22 12.35 -18.46
N LEU A 314 28.62 11.48 -17.66
CA LEU A 314 29.00 10.07 -17.67
C LEU A 314 27.98 9.37 -18.55
N PRO A 315 28.34 8.19 -19.11
CA PRO A 315 27.44 7.43 -19.97
C PRO A 315 26.09 7.07 -19.34
N CYS A 316 25.01 7.53 -19.96
CA CYS A 316 23.69 7.24 -19.47
C CYS A 316 23.11 6.08 -20.30
N GLU A 317 23.10 4.89 -19.71
CA GLU A 317 22.62 3.70 -20.41
C GLU A 317 21.16 3.38 -20.15
N GLY A 318 20.62 3.95 -19.07
CA GLY A 318 19.23 3.69 -18.72
C GLY A 318 18.66 4.67 -17.71
N THR A 319 17.37 4.56 -17.45
CA THR A 319 16.61 5.44 -16.55
C THR A 319 16.55 6.80 -17.20
N TYR A 320 15.74 7.69 -16.63
CA TYR A 320 15.67 9.03 -17.17
C TYR A 320 16.46 9.99 -16.29
N PHE A 321 17.54 9.46 -15.73
CA PHE A 321 18.46 10.20 -14.89
C PHE A 321 19.80 10.26 -15.64
N LEU A 322 20.61 11.26 -15.31
CA LEU A 322 21.89 11.46 -15.96
C LEU A 322 22.88 11.95 -14.90
N LEU A 323 24.11 11.47 -14.96
CA LEU A 323 25.13 11.88 -13.99
C LEU A 323 26.07 12.93 -14.57
N VAL A 324 26.29 13.98 -13.79
CA VAL A 324 27.18 15.05 -14.21
C VAL A 324 28.32 15.20 -13.22
N ASP A 325 29.55 15.24 -13.75
CA ASP A 325 30.74 15.40 -12.93
C ASP A 325 31.09 16.89 -13.08
N TYR A 326 31.19 17.59 -11.96
CA TYR A 326 31.49 19.02 -12.00
C TYR A 326 32.90 19.39 -11.52
N SER A 327 33.81 18.42 -11.54
CA SER A 327 35.19 18.66 -11.10
C SER A 327 35.87 19.92 -11.63
N ALA A 328 35.78 20.14 -12.94
CA ALA A 328 36.42 21.29 -13.57
C ALA A 328 35.75 22.63 -13.26
N VAL A 329 34.61 22.60 -12.58
CA VAL A 329 33.90 23.84 -12.27
C VAL A 329 33.97 24.32 -10.82
N SER A 330 33.96 23.40 -9.86
CA SER A 330 33.98 23.80 -8.46
C SER A 330 34.70 22.81 -7.56
N THR A 331 35.13 23.30 -6.39
CA THR A 331 35.83 22.48 -5.40
C THR A 331 34.89 22.12 -4.25
N LEU A 332 33.64 22.58 -4.34
CA LEU A 332 32.62 22.31 -3.31
C LEU A 332 32.20 20.84 -3.33
N ASP A 333 31.84 20.30 -2.17
CA ASP A 333 31.37 18.92 -2.12
C ASP A 333 30.01 18.92 -2.83
N ASP A 334 29.54 17.75 -3.24
CA ASP A 334 28.29 17.71 -4.00
C ASP A 334 27.06 18.30 -3.34
N VAL A 335 26.97 18.23 -2.02
CA VAL A 335 25.81 18.81 -1.34
C VAL A 335 25.82 20.33 -1.46
N GLU A 336 26.95 20.96 -1.13
CA GLU A 336 27.06 22.41 -1.21
C GLU A 336 26.99 22.85 -2.66
N PHE A 337 27.51 22.02 -3.56
CA PHE A 337 27.49 22.37 -4.99
C PHE A 337 26.06 22.44 -5.53
N CYS A 338 25.23 21.46 -5.20
CA CYS A 338 23.87 21.48 -5.67
C CYS A 338 23.12 22.71 -5.12
N GLN A 339 23.44 23.12 -3.89
CA GLN A 339 22.80 24.31 -3.32
C GLN A 339 23.26 25.52 -4.14
N TRP A 340 24.56 25.61 -4.35
CA TRP A 340 25.12 26.71 -5.12
C TRP A 340 24.56 26.76 -6.53
N LEU A 341 24.44 25.59 -7.16
CA LEU A 341 23.92 25.50 -8.52
C LEU A 341 22.47 25.97 -8.61
N THR A 342 21.65 25.59 -7.63
CA THR A 342 20.25 25.98 -7.62
C THR A 342 20.09 27.49 -7.42
N GLN A 343 20.88 28.02 -6.50
CA GLN A 343 20.84 29.44 -6.14
C GLN A 343 21.56 30.41 -7.09
N GLU A 344 22.72 30.00 -7.62
CA GLU A 344 23.48 30.86 -8.52
C GLU A 344 23.30 30.66 -10.01
N HIS A 345 22.86 29.47 -10.42
CA HIS A 345 22.66 29.20 -11.83
C HIS A 345 21.26 28.69 -12.16
N GLY A 346 20.40 28.69 -11.16
CA GLY A 346 19.02 28.27 -11.34
C GLY A 346 18.71 26.87 -11.87
N VAL A 347 19.53 25.89 -11.53
CA VAL A 347 19.27 24.52 -11.98
C VAL A 347 19.39 23.60 -10.77
N ALA A 348 18.29 22.96 -10.41
CA ALA A 348 18.29 22.07 -9.25
C ALA A 348 18.73 20.65 -9.60
N ALA A 349 19.67 20.13 -8.82
CA ALA A 349 20.18 18.79 -9.02
C ALA A 349 20.24 18.12 -7.64
N ILE A 350 20.47 16.81 -7.64
CA ILE A 350 20.56 16.04 -6.41
C ILE A 350 21.97 15.47 -6.26
N PRO A 351 22.62 15.72 -5.11
CA PRO A 351 23.97 15.19 -4.91
C PRO A 351 23.94 13.66 -4.87
N LEU A 352 24.91 13.02 -5.52
CA LEU A 352 24.94 11.57 -5.54
C LEU A 352 25.27 10.97 -4.18
N SER A 353 25.96 11.74 -3.34
CA SER A 353 26.34 11.26 -2.02
C SER A 353 25.16 10.93 -1.11
N VAL A 354 24.01 11.57 -1.33
CA VAL A 354 22.85 11.30 -0.48
C VAL A 354 22.34 9.88 -0.73
N PHE A 355 22.73 9.29 -1.85
CA PHE A 355 22.32 7.92 -2.20
C PHE A 355 23.30 6.88 -1.66
N CYS A 356 24.33 7.33 -0.96
CA CYS A 356 25.35 6.42 -0.43
C CYS A 356 25.42 6.40 1.09
N ALA A 357 25.47 5.21 1.67
CA ALA A 357 25.53 5.08 3.11
C ALA A 357 26.90 5.52 3.61
N ASP A 358 27.94 5.23 2.83
CA ASP A 358 29.29 5.59 3.20
C ASP A 358 29.80 6.74 2.34
N PRO A 359 30.87 7.42 2.80
CA PRO A 359 31.45 8.55 2.05
C PRO A 359 31.63 8.23 0.57
N PHE A 360 31.29 9.20 -0.27
CA PHE A 360 31.41 9.06 -1.71
C PHE A 360 32.35 10.19 -2.15
N PRO A 361 33.65 9.88 -2.30
CA PRO A 361 34.66 10.86 -2.70
C PRO A 361 34.59 11.18 -4.19
N HIS A 362 33.52 11.83 -4.61
CA HIS A 362 33.36 12.17 -6.01
C HIS A 362 32.53 13.43 -6.14
N LYS A 363 32.69 14.10 -7.28
CA LYS A 363 31.94 15.31 -7.54
C LYS A 363 30.90 15.01 -8.61
N LEU A 364 29.90 14.21 -8.23
CA LEU A 364 28.82 13.79 -9.11
C LEU A 364 27.44 14.23 -8.62
N ILE A 365 26.61 14.67 -9.54
CA ILE A 365 25.25 15.07 -9.23
C ILE A 365 24.31 14.42 -10.21
N ARG A 366 23.07 14.16 -9.79
CA ARG A 366 22.08 13.51 -10.63
C ARG A 366 21.03 14.48 -11.16
N LEU A 367 20.83 14.46 -12.47
CA LEU A 367 19.84 15.31 -13.11
C LEU A 367 18.75 14.42 -13.65
N CYS A 368 17.52 14.91 -13.71
CA CYS A 368 16.42 14.12 -14.25
C CYS A 368 15.99 14.80 -15.53
N PHE A 369 16.00 14.08 -16.64
CA PHE A 369 15.59 14.67 -17.90
C PHE A 369 14.17 14.28 -18.31
N ALA A 370 13.39 13.74 -17.37
CA ALA A 370 12.00 13.40 -17.67
C ALA A 370 11.25 14.73 -17.55
N LYS A 371 11.52 15.64 -18.48
CA LYS A 371 10.89 16.94 -18.46
C LYS A 371 10.50 17.36 -19.86
N LYS A 372 9.61 18.35 -19.93
CA LYS A 372 9.16 18.89 -21.20
C LYS A 372 10.38 19.46 -21.91
N GLU A 373 10.31 19.52 -23.24
CA GLU A 373 11.39 20.05 -24.04
C GLU A 373 11.76 21.45 -23.55
N SER A 374 10.74 22.26 -23.28
CA SER A 374 10.95 23.63 -22.82
C SER A 374 11.72 23.69 -21.50
N THR A 375 11.47 22.71 -20.63
CA THR A 375 12.17 22.65 -19.34
C THR A 375 13.63 22.27 -19.56
N LEU A 376 13.86 21.27 -20.42
CA LEU A 376 15.21 20.80 -20.72
C LEU A 376 16.03 21.84 -21.48
N LEU A 377 15.38 22.60 -22.36
CA LEU A 377 16.08 23.64 -23.10
C LEU A 377 16.50 24.76 -22.15
N ALA A 378 15.61 25.12 -21.22
CA ALA A 378 15.91 26.19 -20.27
C ALA A 378 17.07 25.78 -19.37
N ALA A 379 17.07 24.52 -18.93
CA ALA A 379 18.13 24.03 -18.07
C ALA A 379 19.42 24.02 -18.87
N ALA A 380 19.33 23.53 -20.10
CA ALA A 380 20.49 23.45 -21.00
C ALA A 380 21.18 24.79 -21.18
N GLU A 381 20.38 25.85 -21.32
CA GLU A 381 20.90 27.20 -21.50
C GLU A 381 21.62 27.70 -20.25
N ARG A 382 21.18 27.24 -19.08
CA ARG A 382 21.81 27.66 -17.84
C ARG A 382 23.06 26.88 -17.52
N LEU A 383 23.04 25.58 -17.81
CA LEU A 383 24.19 24.72 -17.56
C LEU A 383 25.34 25.16 -18.47
N ARG A 384 24.98 25.90 -19.52
CA ARG A 384 25.93 26.44 -20.51
C ARG A 384 26.92 27.43 -19.91
N GLN A 385 26.43 28.22 -18.95
CA GLN A 385 27.24 29.25 -18.31
C GLN A 385 28.34 28.77 -17.37
N LEU A 386 28.47 27.44 -17.22
CA LEU A 386 29.51 26.88 -16.35
C LEU A 386 30.74 26.39 -17.11
N PRO B 5 14.63 -25.13 -8.49
CA PRO B 5 13.63 -24.38 -7.73
C PRO B 5 13.71 -24.31 -6.22
N LEU B 6 14.13 -23.13 -5.81
CA LEU B 6 14.32 -22.78 -4.42
C LEU B 6 12.98 -22.32 -3.80
N ILE B 7 12.61 -22.94 -2.69
CA ILE B 7 11.37 -22.62 -2.00
C ILE B 7 11.51 -21.85 -0.68
N PRO B 8 10.86 -20.68 -0.56
CA PRO B 8 10.93 -19.86 0.66
C PRO B 8 10.21 -20.49 1.84
N GLN B 9 10.73 -20.28 3.04
CA GLN B 9 10.12 -20.79 4.26
C GLN B 9 9.21 -19.68 4.80
N SER B 10 7.91 -19.87 4.63
CA SER B 10 6.91 -18.89 5.07
C SER B 10 7.12 -18.34 6.47
N LYS B 11 6.95 -17.03 6.61
CA LYS B 11 7.09 -16.35 7.88
C LYS B 11 5.72 -16.27 8.57
N LEU B 12 4.70 -16.78 7.87
CA LEU B 12 3.32 -16.77 8.36
C LEU B 12 2.58 -18.08 8.08
N PRO B 13 3.05 -19.21 8.64
CA PRO B 13 2.41 -20.51 8.47
C PRO B 13 0.91 -20.55 8.59
N THR B 18 -9.53 -18.94 2.50
CA THR B 18 -10.12 -19.08 1.17
C THR B 18 -11.65 -19.11 1.27
N ILE B 19 -12.17 -19.01 2.49
CA ILE B 19 -13.61 -19.03 2.74
C ILE B 19 -14.40 -18.08 1.84
N PHE B 20 -14.12 -16.79 1.98
CA PHE B 20 -14.78 -15.75 1.20
C PHE B 20 -14.80 -16.01 -0.31
N THR B 21 -13.91 -16.88 -0.78
CA THR B 21 -13.82 -17.23 -2.20
C THR B 21 -14.70 -18.43 -2.55
N GLN B 22 -14.96 -19.29 -1.57
CA GLN B 22 -15.80 -20.48 -1.77
C GLN B 22 -17.24 -19.99 -1.94
N MET B 23 -17.72 -19.24 -0.96
CA MET B 23 -19.08 -18.68 -0.94
C MET B 23 -19.48 -18.01 -2.25
N SER B 24 -18.59 -17.19 -2.81
CA SER B 24 -18.87 -16.48 -4.06
C SER B 24 -18.88 -17.42 -5.26
N ALA B 25 -18.21 -18.57 -5.10
CA ALA B 25 -18.15 -19.57 -6.16
C ALA B 25 -19.40 -20.44 -6.02
N LEU B 26 -19.77 -20.74 -4.78
CA LEU B 26 -20.95 -21.57 -4.50
C LEU B 26 -22.20 -20.72 -4.77
N ALA B 27 -22.12 -19.43 -4.45
CA ALA B 27 -23.22 -18.50 -4.67
C ALA B 27 -23.42 -18.29 -6.16
N GLN B 28 -22.34 -18.41 -6.91
CA GLN B 28 -22.40 -18.23 -8.37
C GLN B 28 -22.92 -19.51 -9.01
N GLN B 29 -22.39 -20.65 -8.57
CA GLN B 29 -22.78 -21.96 -9.10
C GLN B 29 -24.23 -22.32 -8.79
N HIS B 30 -24.80 -21.70 -7.75
CA HIS B 30 -26.18 -21.97 -7.37
C HIS B 30 -27.08 -20.74 -7.41
N GLN B 31 -26.61 -19.68 -8.06
CA GLN B 31 -27.39 -18.44 -8.17
C GLN B 31 -27.99 -18.01 -6.83
N ALA B 32 -27.15 -17.94 -5.81
CA ALA B 32 -27.58 -17.55 -4.47
C ALA B 32 -27.39 -16.06 -4.23
N ILE B 33 -28.30 -15.46 -3.48
CA ILE B 33 -28.20 -14.03 -3.18
C ILE B 33 -26.97 -13.83 -2.30
N ASN B 34 -26.02 -13.04 -2.80
CA ASN B 34 -24.78 -12.78 -2.08
C ASN B 34 -24.93 -11.80 -0.91
N LEU B 35 -24.87 -12.35 0.30
CA LEU B 35 -24.97 -11.54 1.51
C LEU B 35 -23.71 -11.81 2.33
N SER B 36 -22.76 -12.52 1.73
CA SER B 36 -21.51 -12.86 2.40
C SER B 36 -20.44 -11.80 2.21
N GLN B 37 -20.27 -11.33 0.97
CA GLN B 37 -19.27 -10.31 0.71
C GLN B 37 -19.52 -9.01 1.48
N GLY B 38 -18.51 -8.59 2.24
CA GLY B 38 -18.62 -7.38 3.06
C GLY B 38 -18.42 -6.04 2.39
N PHE B 39 -19.01 -5.87 1.20
CA PHE B 39 -18.92 -4.62 0.48
C PHE B 39 -20.21 -4.44 -0.34
N PRO B 40 -20.56 -3.18 -0.69
CA PRO B 40 -21.79 -2.92 -1.45
C PRO B 40 -21.83 -3.50 -2.85
N ASP B 41 -23.05 -3.64 -3.37
CA ASP B 41 -23.25 -4.14 -4.72
C ASP B 41 -23.93 -3.03 -5.49
N PHE B 42 -23.80 -1.82 -4.94
CA PHE B 42 -24.31 -0.61 -5.56
C PHE B 42 -23.10 0.33 -5.59
N ASP B 43 -23.15 1.38 -6.38
CA ASP B 43 -22.00 2.27 -6.49
C ASP B 43 -22.03 3.52 -5.61
N GLY B 44 -20.91 4.24 -5.57
CA GLY B 44 -20.79 5.45 -4.78
C GLY B 44 -21.27 6.71 -5.45
N PRO B 45 -21.09 7.88 -4.79
CA PRO B 45 -21.51 9.18 -5.33
C PRO B 45 -20.76 9.50 -6.62
N ARG B 46 -21.46 9.94 -7.65
CA ARG B 46 -20.72 10.26 -8.86
C ARG B 46 -20.01 11.60 -8.78
N TYR B 47 -20.34 12.41 -7.77
CA TYR B 47 -19.65 13.68 -7.63
C TYR B 47 -18.18 13.36 -7.36
N LEU B 48 -17.96 12.36 -6.52
CA LEU B 48 -16.62 11.90 -6.17
C LEU B 48 -15.96 11.35 -7.44
N GLN B 49 -16.70 10.54 -8.19
CA GLN B 49 -16.16 9.96 -9.41
C GLN B 49 -15.79 11.06 -10.38
N GLU B 50 -16.64 12.08 -10.45
CA GLU B 50 -16.42 13.19 -11.35
C GLU B 50 -15.21 14.03 -10.98
N ARG B 51 -14.98 14.21 -9.68
CA ARG B 51 -13.83 14.99 -9.26
C ARG B 51 -12.52 14.24 -9.52
N LEU B 52 -12.58 12.91 -9.47
CA LEU B 52 -11.40 12.09 -9.74
C LEU B 52 -10.96 12.34 -11.18
N ALA B 53 -11.90 12.21 -12.11
CA ALA B 53 -11.63 12.43 -13.53
C ALA B 53 -11.13 13.84 -13.80
N HIS B 54 -11.66 14.80 -13.03
CA HIS B 54 -11.28 16.20 -13.18
C HIS B 54 -9.81 16.41 -12.83
N HIS B 55 -9.39 15.84 -11.71
CA HIS B 55 -8.01 15.99 -11.27
C HIS B 55 -7.04 15.24 -12.17
N VAL B 56 -7.48 14.11 -12.73
CA VAL B 56 -6.61 13.37 -13.63
C VAL B 56 -6.41 14.25 -14.86
N ALA B 57 -7.49 14.86 -15.32
CA ALA B 57 -7.47 15.73 -16.49
C ALA B 57 -6.61 16.98 -16.30
N GLN B 58 -6.66 17.57 -15.11
CA GLN B 58 -5.87 18.76 -14.82
C GLN B 58 -4.38 18.37 -14.69
N GLY B 59 -4.11 17.07 -14.73
CA GLY B 59 -2.76 16.56 -14.65
C GLY B 59 -2.16 16.28 -13.28
N ALA B 60 -2.97 16.33 -12.22
CA ALA B 60 -2.46 16.07 -10.88
C ALA B 60 -2.23 14.56 -10.73
N ASN B 61 -1.32 14.03 -11.56
CA ASN B 61 -1.04 12.60 -11.58
C ASN B 61 0.34 12.14 -11.13
N GLN B 62 1.15 13.04 -10.57
CA GLN B 62 2.47 12.65 -10.10
C GLN B 62 2.42 12.42 -8.59
N TYR B 63 3.53 11.95 -8.01
CA TYR B 63 3.58 11.68 -6.59
C TYR B 63 2.93 12.74 -5.71
N ALA B 64 2.20 12.27 -4.69
CA ALA B 64 1.56 13.15 -3.73
C ALA B 64 2.56 13.21 -2.57
N PRO B 65 2.38 14.15 -1.63
CA PRO B 65 3.34 14.18 -0.52
C PRO B 65 3.22 12.86 0.25
N MET B 66 4.31 12.43 0.89
CA MET B 66 4.31 11.16 1.62
C MET B 66 3.23 11.02 2.70
N THR B 67 2.91 12.11 3.39
CA THR B 67 1.90 12.08 4.45
C THR B 67 0.49 12.27 3.92
N GLY B 68 0.39 12.59 2.63
CA GLY B 68 -0.89 12.81 1.99
C GLY B 68 -1.05 14.24 1.50
N VAL B 69 -1.94 14.43 0.53
CA VAL B 69 -2.19 15.75 -0.02
C VAL B 69 -2.63 16.69 1.10
N GLN B 70 -2.01 17.87 1.13
CA GLN B 70 -2.28 18.87 2.14
C GLN B 70 -3.77 19.18 2.31
N ALA B 71 -4.44 19.50 1.21
CA ALA B 71 -5.86 19.81 1.22
C ALA B 71 -6.66 18.69 1.87
N LEU B 72 -6.27 17.44 1.61
CA LEU B 72 -6.99 16.30 2.18
C LEU B 72 -6.79 16.17 3.68
N ARG B 73 -5.55 16.29 4.15
CA ARG B 73 -5.27 16.20 5.57
C ARG B 73 -5.98 17.31 6.35
N GLU B 74 -6.02 18.51 5.77
CA GLU B 74 -6.68 19.64 6.41
C GLU B 74 -8.19 19.45 6.44
N ALA B 75 -8.73 18.86 5.37
CA ALA B 75 -10.17 18.59 5.29
C ALA B 75 -10.55 17.52 6.30
N ILE B 76 -9.64 16.58 6.54
CA ILE B 76 -9.86 15.52 7.50
C ILE B 76 -9.80 16.11 8.91
N ALA B 77 -8.90 17.07 9.11
CA ALA B 77 -8.77 17.72 10.39
C ALA B 77 -10.10 18.38 10.77
N GLN B 78 -10.68 19.11 9.82
CA GLN B 78 -11.94 19.82 10.05
C GLN B 78 -13.08 18.84 10.34
N LYS B 79 -13.12 17.72 9.63
CA LYS B 79 -14.15 16.72 9.81
C LYS B 79 -14.06 16.18 11.24
N THR B 80 -12.83 15.94 11.67
CA THR B 80 -12.57 15.42 13.01
C THR B 80 -13.03 16.42 14.07
N GLU B 81 -12.79 17.70 13.80
CA GLU B 81 -13.17 18.75 14.72
C GLU B 81 -14.69 18.84 14.85
N ARG B 82 -15.38 18.80 13.71
CA ARG B 82 -16.85 18.86 13.73
C ARG B 82 -17.44 17.70 14.49
N LEU B 83 -16.92 16.51 14.20
CA LEU B 83 -17.40 15.29 14.84
C LEU B 83 -17.06 15.07 16.29
N TYR B 84 -15.79 15.24 16.66
CA TYR B 84 -15.36 14.96 18.02
C TYR B 84 -14.97 16.14 18.91
N GLY B 85 -15.26 17.35 18.44
CA GLY B 85 -14.97 18.54 19.23
C GLY B 85 -13.52 18.87 19.54
N TYR B 86 -12.60 18.36 18.73
CA TYR B 86 -11.19 18.63 18.92
C TYR B 86 -10.54 18.64 17.54
N GLN B 87 -9.60 19.54 17.32
CA GLN B 87 -8.96 19.63 16.01
C GLN B 87 -7.52 19.15 15.95
N PRO B 88 -7.28 18.04 15.23
CA PRO B 88 -5.93 17.48 15.10
C PRO B 88 -5.07 18.42 14.26
N ASP B 89 -3.75 18.29 14.37
CA ASP B 89 -2.86 19.12 13.57
C ASP B 89 -2.77 18.43 12.21
N ALA B 90 -3.18 19.13 11.17
CA ALA B 90 -3.21 18.59 9.81
C ALA B 90 -1.87 18.17 9.26
N ASP B 91 -0.79 18.84 9.69
CA ASP B 91 0.53 18.48 9.17
C ASP B 91 1.20 17.34 9.91
N SER B 92 0.95 17.20 11.21
CA SER B 92 1.59 16.16 12.00
C SER B 92 0.74 14.99 12.50
N ASP B 93 -0.57 15.19 12.65
CA ASP B 93 -1.41 14.13 13.21
C ASP B 93 -2.22 13.30 12.21
N ILE B 94 -2.27 13.71 10.96
CA ILE B 94 -3.06 12.97 10.00
C ILE B 94 -2.21 12.36 8.87
N THR B 95 -2.46 11.10 8.56
CA THR B 95 -1.71 10.39 7.54
C THR B 95 -2.60 9.60 6.59
N VAL B 96 -2.53 9.90 5.30
CA VAL B 96 -3.32 9.20 4.31
C VAL B 96 -2.61 7.89 3.93
N THR B 97 -3.39 6.82 3.77
CA THR B 97 -2.84 5.51 3.45
C THR B 97 -3.66 4.82 2.34
N ALA B 98 -3.05 3.84 1.68
CA ALA B 98 -3.73 3.11 0.62
C ALA B 98 -4.77 2.16 1.21
N GLY B 99 -5.80 2.72 1.81
CA GLY B 99 -6.84 1.93 2.43
C GLY B 99 -6.63 1.91 3.93
N ALA B 100 -7.66 1.57 4.69
CA ALA B 100 -7.52 1.49 6.15
C ALA B 100 -6.59 0.33 6.44
N THR B 101 -6.63 -0.69 5.58
CA THR B 101 -5.78 -1.87 5.72
C THR B 101 -4.32 -1.46 5.94
N GLU B 102 -3.79 -0.58 5.09
CA GLU B 102 -2.41 -0.13 5.24
C GLU B 102 -2.18 0.70 6.51
N ALA B 103 -3.19 1.45 6.94
CA ALA B 103 -3.05 2.27 8.15
C ALA B 103 -2.90 1.33 9.35
N LEU B 104 -3.67 0.25 9.33
CA LEU B 104 -3.63 -0.73 10.41
C LEU B 104 -2.27 -1.42 10.42
N TYR B 105 -1.80 -1.85 9.26
CA TYR B 105 -0.50 -2.52 9.16
C TYR B 105 0.62 -1.55 9.55
N ALA B 106 0.51 -0.28 9.15
CA ALA B 106 1.54 0.69 9.48
C ALA B 106 1.55 1.01 10.97
N ALA B 107 0.36 1.23 11.54
CA ALA B 107 0.25 1.55 12.96
C ALA B 107 0.74 0.38 13.81
N ILE B 108 0.31 -0.83 13.47
CA ILE B 108 0.72 -2.02 14.20
C ILE B 108 2.24 -2.20 14.09
N THR B 109 2.76 -2.10 12.88
CA THR B 109 4.18 -2.26 12.64
C THR B 109 5.02 -1.20 13.34
N ALA B 110 4.51 0.01 13.42
CA ALA B 110 5.27 1.09 14.07
C ALA B 110 5.30 0.94 15.59
N LEU B 111 4.28 0.30 16.16
CA LEU B 111 4.18 0.17 17.61
C LEU B 111 4.56 -1.18 18.24
N VAL B 112 4.46 -2.26 17.47
CA VAL B 112 4.77 -3.58 17.99
C VAL B 112 6.21 -4.04 17.77
N ARG B 113 6.94 -4.28 18.86
CA ARG B 113 8.32 -4.77 18.79
C ARG B 113 8.34 -6.25 19.15
N ASN B 114 9.47 -6.90 18.90
CA ASN B 114 9.61 -8.32 19.20
C ASN B 114 9.24 -8.63 20.66
N GLY B 115 8.34 -9.60 20.84
CA GLY B 115 7.94 -9.99 22.18
C GLY B 115 6.83 -9.17 22.83
N ASP B 116 6.41 -8.07 22.21
CA ASP B 116 5.34 -7.26 22.77
C ASP B 116 4.01 -8.01 22.71
N GLU B 117 3.17 -7.80 23.70
CA GLU B 117 1.87 -8.47 23.72
C GLU B 117 0.81 -7.50 23.26
N VAL B 118 -0.06 -7.98 22.40
CA VAL B 118 -1.13 -7.18 21.87
C VAL B 118 -2.46 -7.83 22.23
N ILE B 119 -3.35 -7.05 22.84
CA ILE B 119 -4.65 -7.56 23.21
C ILE B 119 -5.64 -7.30 22.09
N CYS B 120 -6.30 -8.36 21.64
CA CYS B 120 -7.29 -8.27 20.57
C CYS B 120 -8.57 -8.94 21.07
N PHE B 121 -9.66 -8.75 20.31
CA PHE B 121 -10.92 -9.35 20.68
C PHE B 121 -11.46 -10.19 19.54
N ASP B 122 -11.93 -11.38 19.88
CA ASP B 122 -12.53 -12.29 18.90
C ASP B 122 -14.03 -12.30 19.18
N PRO B 123 -14.86 -12.48 18.13
CA PRO B 123 -14.50 -12.66 16.72
C PRO B 123 -13.81 -11.39 16.23
N SER B 124 -12.91 -11.53 15.27
CA SER B 124 -12.18 -10.36 14.79
C SER B 124 -11.94 -10.30 13.29
N TYR B 125 -11.70 -9.09 12.81
CA TYR B 125 -11.37 -8.85 11.41
C TYR B 125 -10.01 -9.57 11.32
N ASP B 126 -9.75 -10.27 10.22
CA ASP B 126 -8.52 -11.05 10.13
C ASP B 126 -7.17 -10.40 9.79
N SER B 127 -7.12 -9.09 9.58
CA SER B 127 -5.85 -8.46 9.23
C SER B 127 -4.91 -8.09 10.39
N TYR B 128 -5.43 -7.96 11.60
CA TYR B 128 -4.59 -7.58 12.74
C TYR B 128 -3.56 -8.65 13.10
N ALA B 129 -4.03 -9.88 13.34
CA ALA B 129 -3.15 -10.97 13.74
C ALA B 129 -1.88 -11.08 12.88
N PRO B 130 -2.02 -11.15 11.54
CA PRO B 130 -0.82 -11.25 10.70
C PRO B 130 0.20 -10.12 10.87
N ALA B 131 -0.27 -8.88 10.93
CA ALA B 131 0.64 -7.74 11.09
C ALA B 131 1.40 -7.83 12.40
N ILE B 132 0.69 -8.18 13.46
CA ILE B 132 1.31 -8.32 14.77
C ILE B 132 2.38 -9.41 14.72
N ALA B 133 2.10 -10.50 14.00
CA ALA B 133 3.03 -11.62 13.89
C ALA B 133 4.28 -11.26 13.08
N LEU B 134 4.12 -10.45 12.05
CA LEU B 134 5.27 -10.06 11.23
C LEU B 134 6.22 -9.17 12.01
N SER B 135 5.72 -8.49 13.04
CA SER B 135 6.58 -7.64 13.85
C SER B 135 7.05 -8.40 15.10
N GLY B 136 6.75 -9.70 15.15
CA GLY B 136 7.18 -10.51 16.27
C GLY B 136 6.39 -10.26 17.55
N GLY B 137 5.14 -9.87 17.41
CA GLY B 137 4.30 -9.61 18.57
C GLY B 137 3.51 -10.83 19.01
N ILE B 138 3.08 -10.83 20.26
CA ILE B 138 2.32 -11.94 20.80
C ILE B 138 0.86 -11.50 20.98
N VAL B 139 -0.05 -12.24 20.35
CA VAL B 139 -1.48 -11.94 20.44
C VAL B 139 -2.12 -12.56 21.67
N LYS B 140 -2.90 -11.75 22.39
CA LYS B 140 -3.63 -12.19 23.58
C LYS B 140 -5.09 -11.92 23.24
N ARG B 141 -5.85 -12.98 23.01
CA ARG B 141 -7.25 -12.81 22.62
C ARG B 141 -8.29 -12.91 23.71
N MET B 142 -9.28 -12.04 23.61
CA MET B 142 -10.41 -11.99 24.51
C MET B 142 -11.53 -12.51 23.63
N ALA B 143 -12.29 -13.48 24.12
CA ALA B 143 -13.38 -14.02 23.33
C ALA B 143 -14.71 -13.35 23.70
N LEU B 144 -15.16 -12.41 22.89
CA LEU B 144 -16.43 -11.74 23.14
C LEU B 144 -17.50 -12.80 22.97
N GLN B 145 -18.43 -12.85 23.91
CA GLN B 145 -19.49 -13.86 23.88
C GLN B 145 -20.83 -13.35 23.41
N PRO B 146 -21.52 -14.14 22.55
CA PRO B 146 -22.82 -13.69 22.07
C PRO B 146 -23.79 -13.74 23.25
N PRO B 147 -24.95 -13.08 23.14
CA PRO B 147 -25.45 -12.29 22.02
C PRO B 147 -24.98 -10.85 22.01
N HIS B 148 -24.56 -10.33 23.16
CA HIS B 148 -24.16 -8.94 23.23
C HIS B 148 -22.69 -8.61 22.99
N PHE B 149 -21.85 -9.64 22.95
CA PHE B 149 -20.42 -9.45 22.68
C PHE B 149 -19.81 -8.26 23.40
N ARG B 150 -20.14 -8.10 24.67
CA ARG B 150 -19.60 -6.99 25.44
C ARG B 150 -18.23 -7.35 26.01
N VAL B 151 -17.38 -6.34 26.16
CA VAL B 151 -16.06 -6.56 26.71
C VAL B 151 -16.15 -6.85 28.19
N ASP B 152 -15.57 -7.97 28.61
CA ASP B 152 -15.57 -8.34 30.03
C ASP B 152 -14.32 -7.69 30.61
N TRP B 153 -14.48 -6.49 31.16
CA TRP B 153 -13.35 -5.76 31.72
C TRP B 153 -12.56 -6.47 32.81
N GLN B 154 -13.17 -7.46 33.44
CA GLN B 154 -12.46 -8.19 34.49
C GLN B 154 -11.53 -9.19 33.80
N GLU B 155 -11.99 -9.74 32.68
CA GLU B 155 -11.18 -10.68 31.90
C GLU B 155 -10.04 -9.87 31.27
N PHE B 156 -10.37 -8.66 30.83
CA PHE B 156 -9.37 -7.78 30.23
C PHE B 156 -8.25 -7.52 31.22
N ALA B 157 -8.63 -7.01 32.40
CA ALA B 157 -7.66 -6.68 33.44
C ALA B 157 -6.68 -7.82 33.68
N ALA B 158 -7.18 -9.04 33.64
CA ALA B 158 -6.35 -10.22 33.85
C ALA B 158 -5.36 -10.51 32.72
N LEU B 159 -5.63 -9.99 31.53
CA LEU B 159 -4.74 -10.22 30.39
C LEU B 159 -3.55 -9.28 30.37
N LEU B 160 -3.64 -8.18 31.12
CA LEU B 160 -2.53 -7.23 31.15
C LEU B 160 -1.30 -7.84 31.78
N SER B 161 -0.13 -7.39 31.33
CA SER B 161 1.15 -7.84 31.85
C SER B 161 2.12 -6.69 31.62
N GLU B 162 3.40 -6.88 31.96
CA GLU B 162 4.37 -5.82 31.77
C GLU B 162 4.80 -5.76 30.29
N ARG B 163 4.35 -6.74 29.51
CA ARG B 163 4.67 -6.82 28.08
C ARG B 163 3.54 -6.30 27.20
N THR B 164 2.41 -5.96 27.81
CA THR B 164 1.27 -5.43 27.07
C THR B 164 1.67 -4.10 26.45
N ARG B 165 1.72 -4.08 25.13
CA ARG B 165 2.13 -2.87 24.41
C ARG B 165 0.99 -2.17 23.69
N LEU B 166 0.01 -2.96 23.26
CA LEU B 166 -1.07 -2.40 22.47
C LEU B 166 -2.41 -3.11 22.59
N VAL B 167 -3.47 -2.33 22.41
CA VAL B 167 -4.83 -2.86 22.43
C VAL B 167 -5.45 -2.47 21.10
N ILE B 168 -5.90 -3.47 20.34
CA ILE B 168 -6.52 -3.21 19.06
C ILE B 168 -8.01 -3.51 19.20
N LEU B 169 -8.83 -2.49 18.99
CA LEU B 169 -10.28 -2.67 19.06
C LEU B 169 -10.92 -2.19 17.77
N ASN B 170 -12.08 -2.76 17.48
CA ASN B 170 -12.81 -2.43 16.27
C ASN B 170 -14.26 -2.04 16.64
N THR B 171 -14.62 -0.78 16.42
CA THR B 171 -15.97 -0.31 16.72
C THR B 171 -16.43 0.78 15.76
N PRO B 172 -17.59 0.58 15.09
CA PRO B 172 -18.44 -0.63 15.20
C PRO B 172 -17.68 -1.92 14.90
N HIS B 173 -18.14 -3.00 15.50
CA HIS B 173 -17.47 -4.29 15.38
C HIS B 173 -17.80 -5.26 14.26
N ASN B 174 -16.83 -5.46 13.37
CA ASN B 174 -16.98 -6.44 12.31
C ASN B 174 -16.28 -7.65 12.93
N PRO B 175 -16.95 -8.81 12.98
CA PRO B 175 -18.27 -9.17 12.47
C PRO B 175 -19.49 -9.16 13.40
N SER B 176 -19.34 -8.90 14.69
CA SER B 176 -20.50 -8.98 15.58
C SER B 176 -21.59 -7.92 15.42
N ALA B 177 -21.26 -6.76 14.86
CA ALA B 177 -22.22 -5.68 14.68
C ALA B 177 -22.57 -4.96 15.98
N THR B 178 -21.71 -5.10 16.97
CA THR B 178 -21.92 -4.43 18.25
C THR B 178 -21.01 -3.22 18.28
N VAL B 179 -21.25 -2.32 19.23
CA VAL B 179 -20.44 -1.12 19.32
C VAL B 179 -19.97 -0.84 20.73
N TRP B 180 -18.93 -0.04 20.84
CA TRP B 180 -18.39 0.36 22.14
C TRP B 180 -19.15 1.60 22.58
N GLN B 181 -19.50 1.64 23.86
CA GLN B 181 -20.21 2.78 24.44
C GLN B 181 -19.15 3.68 25.09
N GLN B 182 -19.52 4.93 25.32
CA GLN B 182 -18.62 5.90 25.96
C GLN B 182 -18.06 5.23 27.21
N ALA B 183 -18.93 4.54 27.95
CA ALA B 183 -18.52 3.86 29.18
C ALA B 183 -17.45 2.80 28.93
N ASP B 184 -17.46 2.19 27.76
CA ASP B 184 -16.45 1.19 27.44
C ASP B 184 -15.08 1.82 27.31
N PHE B 185 -15.01 3.00 26.69
CA PHE B 185 -13.73 3.69 26.56
C PHE B 185 -13.26 4.17 27.92
N ALA B 186 -14.19 4.57 28.76
CA ALA B 186 -13.85 5.04 30.11
C ALA B 186 -13.23 3.88 30.87
N ALA B 187 -13.80 2.69 30.68
CA ALA B 187 -13.29 1.49 31.34
C ALA B 187 -11.91 1.11 30.80
N LEU B 188 -11.72 1.28 29.49
CA LEU B 188 -10.44 0.98 28.86
C LEU B 188 -9.37 1.90 29.44
N TRP B 189 -9.69 3.19 29.56
CA TRP B 189 -8.74 4.15 30.10
C TRP B 189 -8.37 3.85 31.56
N GLN B 190 -9.37 3.47 32.36
CA GLN B 190 -9.13 3.16 33.75
C GLN B 190 -8.21 1.96 33.83
N ALA B 191 -8.36 1.03 32.90
CA ALA B 191 -7.54 -0.18 32.90
C ALA B 191 -6.11 -0.02 32.38
N ILE B 192 -5.88 0.91 31.46
CA ILE B 192 -4.54 1.07 30.91
C ILE B 192 -3.85 2.38 31.27
N ALA B 193 -4.54 3.24 32.01
CA ALA B 193 -3.99 4.54 32.40
C ALA B 193 -2.55 4.47 32.93
N GLY B 194 -2.31 3.60 33.90
CA GLY B 194 -0.98 3.51 34.47
C GLY B 194 0.02 2.61 33.75
N HIS B 195 -0.24 2.31 32.48
CA HIS B 195 0.65 1.43 31.72
C HIS B 195 1.07 2.05 30.39
N GLU B 196 2.14 1.52 29.83
CA GLU B 196 2.65 2.01 28.56
C GLU B 196 1.97 1.24 27.44
N ILE B 197 0.65 1.39 27.36
CA ILE B 197 -0.15 0.71 26.36
C ILE B 197 -0.80 1.64 25.34
N PHE B 198 -0.53 1.35 24.07
CA PHE B 198 -1.06 2.12 22.96
C PHE B 198 -2.39 1.52 22.51
N VAL B 199 -3.21 2.34 21.87
CA VAL B 199 -4.51 1.90 21.39
C VAL B 199 -4.71 2.18 19.92
N ILE B 200 -5.17 1.18 19.19
CA ILE B 200 -5.46 1.37 17.77
C ILE B 200 -6.94 1.09 17.70
N SER B 201 -7.70 2.06 17.24
CA SER B 201 -9.13 1.92 17.15
C SER B 201 -9.58 1.86 15.69
N ASP B 202 -9.99 0.68 15.25
CA ASP B 202 -10.44 0.50 13.88
C ASP B 202 -11.89 0.99 13.84
N GLU B 203 -12.06 2.22 13.34
CA GLU B 203 -13.37 2.84 13.27
C GLU B 203 -13.85 3.09 11.84
N VAL B 204 -13.50 2.19 10.91
CA VAL B 204 -13.90 2.35 9.51
C VAL B 204 -15.43 2.46 9.35
N TYR B 205 -16.18 1.83 10.24
CA TYR B 205 -17.65 1.88 10.20
C TYR B 205 -18.16 2.98 11.14
N GLU B 206 -17.33 3.99 11.38
CA GLU B 206 -17.66 5.10 12.28
C GLU B 206 -18.94 5.84 11.96
N HIS B 207 -19.37 5.79 10.71
CA HIS B 207 -20.58 6.50 10.30
C HIS B 207 -21.79 5.60 10.18
N ILE B 208 -21.64 4.37 10.65
CA ILE B 208 -22.72 3.40 10.61
C ILE B 208 -23.03 2.88 11.99
N ASN B 209 -23.49 3.78 12.85
CA ASN B 209 -23.87 3.46 14.23
C ASN B 209 -25.34 3.87 14.38
N PHE B 210 -26.18 2.91 14.76
CA PHE B 210 -27.61 3.18 14.88
C PHE B 210 -28.13 3.74 16.20
N SER B 211 -27.27 3.94 17.19
CA SER B 211 -27.72 4.50 18.46
C SER B 211 -28.03 6.00 18.32
N GLN B 212 -28.97 6.50 19.11
CA GLN B 212 -29.32 7.91 19.07
C GLN B 212 -28.14 8.57 19.77
N GLN B 213 -27.51 7.77 20.61
CA GLN B 213 -26.34 8.17 21.39
C GLN B 213 -25.20 8.58 20.46
N GLY B 214 -25.22 8.03 19.23
CA GLY B 214 -24.20 8.34 18.25
C GLY B 214 -22.94 7.49 18.40
N HIS B 215 -22.04 7.61 17.43
CA HIS B 215 -20.79 6.86 17.43
C HIS B 215 -19.85 7.33 18.53
N ALA B 216 -19.40 6.41 19.38
CA ALA B 216 -18.46 6.76 20.42
C ALA B 216 -17.07 6.44 19.89
N SER B 217 -16.27 7.48 19.65
CA SER B 217 -14.92 7.32 19.14
C SER B 217 -13.85 7.46 20.21
N VAL B 218 -12.70 6.84 19.98
CA VAL B 218 -11.60 6.92 20.91
C VAL B 218 -11.10 8.35 20.90
N LEU B 219 -11.35 9.05 19.81
CA LEU B 219 -10.90 10.44 19.68
C LEU B 219 -11.71 11.41 20.55
N ALA B 220 -12.82 10.93 21.12
CA ALA B 220 -13.67 11.76 21.96
C ALA B 220 -13.22 11.68 23.42
N HIS B 221 -12.33 10.74 23.70
CA HIS B 221 -11.82 10.57 25.05
C HIS B 221 -10.48 11.31 25.10
N PRO B 222 -10.42 12.44 25.83
CA PRO B 222 -9.22 13.27 25.98
C PRO B 222 -7.92 12.58 26.33
N GLN B 223 -7.95 11.61 27.24
CA GLN B 223 -6.73 10.91 27.61
C GLN B 223 -6.34 9.80 26.63
N LEU B 224 -7.27 8.91 26.29
CA LEU B 224 -6.98 7.83 25.35
C LEU B 224 -6.48 8.42 24.03
N ARG B 225 -7.06 9.57 23.66
CA ARG B 225 -6.70 10.26 22.44
C ARG B 225 -5.19 10.48 22.30
N GLU B 226 -4.56 10.89 23.39
CA GLU B 226 -3.13 11.16 23.37
C GLU B 226 -2.24 9.92 23.23
N ARG B 227 -2.83 8.75 23.31
CA ARG B 227 -2.06 7.53 23.17
C ARG B 227 -2.72 6.55 22.20
N ALA B 228 -3.56 7.08 21.32
CA ALA B 228 -4.25 6.19 20.39
C ALA B 228 -4.25 6.60 18.93
N VAL B 229 -4.45 5.61 18.08
CA VAL B 229 -4.51 5.77 16.62
C VAL B 229 -5.92 5.40 16.15
N ALA B 230 -6.61 6.35 15.51
CA ALA B 230 -7.95 6.10 14.98
C ALA B 230 -7.78 5.85 13.49
N VAL B 231 -8.38 4.79 12.98
CA VAL B 231 -8.27 4.44 11.57
C VAL B 231 -9.63 4.59 10.88
N SER B 232 -9.63 5.23 9.72
CA SER B 232 -10.85 5.45 8.96
C SER B 232 -10.64 4.93 7.54
N SER B 233 -11.74 4.75 6.82
CA SER B 233 -11.69 4.22 5.47
C SER B 233 -12.68 4.94 4.58
N PHE B 234 -12.15 5.63 3.58
CA PHE B 234 -13.01 6.37 2.65
C PHE B 234 -13.77 5.37 1.81
N GLY B 235 -13.11 4.26 1.45
CA GLY B 235 -13.75 3.25 0.63
C GLY B 235 -15.03 2.76 1.26
N LYS B 236 -15.03 2.61 2.57
CA LYS B 236 -16.19 2.14 3.32
C LYS B 236 -17.27 3.21 3.44
N THR B 237 -16.84 4.45 3.66
CA THR B 237 -17.77 5.57 3.82
C THR B 237 -18.42 6.03 2.52
N TYR B 238 -17.70 5.92 1.41
CA TYR B 238 -18.26 6.36 0.12
C TYR B 238 -18.65 5.23 -0.81
N HIS B 239 -18.92 4.07 -0.24
CA HIS B 239 -19.36 2.93 -1.01
C HIS B 239 -18.45 2.54 -2.17
N MET B 240 -17.16 2.81 -2.06
CA MET B 240 -16.25 2.43 -3.13
C MET B 240 -14.98 1.83 -2.57
N THR B 241 -15.12 0.61 -2.07
CA THR B 241 -14.05 -0.14 -1.45
C THR B 241 -12.81 -0.37 -2.31
N GLY B 242 -13.00 -0.39 -3.63
CA GLY B 242 -11.89 -0.62 -4.53
C GLY B 242 -11.00 0.59 -4.75
N TRP B 243 -11.34 1.71 -4.13
CA TRP B 243 -10.56 2.94 -4.27
C TRP B 243 -9.37 2.96 -3.32
N LYS B 244 -9.45 2.12 -2.30
CA LYS B 244 -8.36 1.97 -1.34
C LYS B 244 -7.68 3.25 -0.85
N VAL B 245 -8.41 4.05 -0.10
CA VAL B 245 -7.87 5.27 0.49
C VAL B 245 -8.43 5.37 1.89
N GLY B 246 -7.54 5.51 2.86
CA GLY B 246 -7.96 5.62 4.23
C GLY B 246 -7.01 6.56 4.93
N TYR B 247 -7.04 6.59 6.26
CA TYR B 247 -6.14 7.46 6.98
C TYR B 247 -6.21 7.17 8.48
N CYS B 248 -5.24 7.69 9.21
CA CYS B 248 -5.25 7.53 10.65
C CYS B 248 -4.93 8.86 11.33
N VAL B 249 -5.52 9.04 12.51
CA VAL B 249 -5.34 10.25 13.29
C VAL B 249 -4.64 9.81 14.57
N ALA B 250 -3.52 10.45 14.89
CA ALA B 250 -2.78 10.10 16.09
C ALA B 250 -1.89 11.26 16.50
N PRO B 251 -1.48 11.30 17.77
CA PRO B 251 -0.62 12.40 18.23
C PRO B 251 0.63 12.42 17.35
N ALA B 252 1.22 13.61 17.22
CA ALA B 252 2.41 13.82 16.40
C ALA B 252 3.49 12.74 16.54
N PRO B 253 3.89 12.43 17.79
CA PRO B 253 4.92 11.42 18.07
C PRO B 253 4.59 10.04 17.50
N ILE B 254 3.33 9.64 17.64
CA ILE B 254 2.87 8.34 17.17
C ILE B 254 2.69 8.36 15.65
N SER B 255 2.06 9.41 15.13
CA SER B 255 1.88 9.54 13.70
C SER B 255 3.23 9.55 13.00
N ALA B 256 4.24 10.12 13.65
CA ALA B 256 5.57 10.18 13.07
C ALA B 256 6.11 8.78 12.81
N GLU B 257 5.90 7.89 13.78
CA GLU B 257 6.38 6.51 13.65
C GLU B 257 5.52 5.73 12.66
N ILE B 258 4.27 6.12 12.52
CA ILE B 258 3.41 5.45 11.57
C ILE B 258 3.92 5.84 10.17
N ARG B 259 4.28 7.11 10.03
CA ARG B 259 4.78 7.61 8.75
C ARG B 259 6.11 6.99 8.35
N LYS B 260 6.99 6.75 9.31
CA LYS B 260 8.28 6.15 8.97
C LYS B 260 8.07 4.81 8.30
N VAL B 261 7.08 4.04 8.77
CA VAL B 261 6.78 2.74 8.17
C VAL B 261 6.08 2.92 6.84
N HIS B 262 4.99 3.70 6.85
CA HIS B 262 4.21 3.99 5.65
C HIS B 262 5.08 4.39 4.45
N GLN B 263 5.96 5.35 4.68
CA GLN B 263 6.83 5.87 3.64
C GLN B 263 7.59 4.81 2.84
N TYR B 264 7.84 3.65 3.43
CA TYR B 264 8.54 2.57 2.72
C TYR B 264 7.59 1.44 2.37
N LEU B 265 6.32 1.62 2.73
CA LEU B 265 5.28 0.62 2.43
C LEU B 265 4.71 0.93 1.06
N THR B 266 4.32 2.19 0.86
CA THR B 266 3.73 2.64 -0.39
C THR B 266 4.24 4.03 -0.77
N PHE B 267 4.82 4.71 0.22
CA PHE B 267 5.35 6.07 0.11
C PHE B 267 4.26 7.13 0.01
N SER B 268 3.46 7.05 -1.05
CA SER B 268 2.36 7.99 -1.25
C SER B 268 1.16 7.20 -1.71
N VAL B 269 0.01 7.88 -1.73
CA VAL B 269 -1.26 7.25 -2.09
C VAL B 269 -1.86 7.92 -3.35
N ASN B 270 -2.60 7.14 -4.15
CA ASN B 270 -3.22 7.64 -5.38
C ASN B 270 -3.55 9.15 -5.26
N THR B 271 -2.83 9.95 -6.04
CA THR B 271 -2.96 11.40 -5.99
C THR B 271 -4.32 11.98 -6.42
N PRO B 272 -4.83 11.68 -7.64
CA PRO B 272 -6.13 12.20 -8.05
C PRO B 272 -7.23 11.87 -7.03
N ALA B 273 -7.24 10.59 -6.63
CA ALA B 273 -8.21 10.09 -5.66
C ALA B 273 -8.26 10.95 -4.40
N GLN B 274 -7.08 11.31 -3.90
CA GLN B 274 -6.99 12.15 -2.71
C GLN B 274 -7.63 13.52 -2.91
N LEU B 275 -7.31 14.17 -4.03
CA LEU B 275 -7.87 15.47 -4.33
C LEU B 275 -9.39 15.37 -4.48
N ALA B 276 -9.85 14.28 -5.08
CA ALA B 276 -11.28 14.07 -5.27
C ALA B 276 -11.92 13.91 -3.89
N LEU B 277 -11.29 13.11 -3.04
CA LEU B 277 -11.81 12.90 -1.70
C LEU B 277 -11.85 14.21 -0.90
N ALA B 278 -10.89 15.09 -1.15
CA ALA B 278 -10.83 16.38 -0.45
C ALA B 278 -12.02 17.22 -0.88
N ASP B 279 -12.29 17.21 -2.18
CA ASP B 279 -13.42 17.96 -2.71
C ASP B 279 -14.72 17.49 -2.06
N MET B 280 -14.91 16.16 -2.04
CA MET B 280 -16.11 15.55 -1.47
C MET B 280 -16.33 15.93 0.00
N LEU B 281 -15.27 15.92 0.79
CA LEU B 281 -15.37 16.28 2.19
C LEU B 281 -15.82 17.74 2.33
N ARG B 282 -15.24 18.61 1.52
CA ARG B 282 -15.57 20.02 1.59
C ARG B 282 -16.93 20.38 0.97
N ALA B 283 -17.31 19.67 -0.09
CA ALA B 283 -18.59 19.93 -0.77
C ALA B 283 -19.83 19.32 -0.10
N GLU B 284 -19.70 18.16 0.54
CA GLU B 284 -20.85 17.52 1.20
C GLU B 284 -20.50 17.00 2.61
N PRO B 285 -20.20 17.92 3.54
CA PRO B 285 -19.83 17.68 4.95
C PRO B 285 -20.80 16.96 5.87
N GLU B 286 -22.10 17.14 5.69
CA GLU B 286 -23.09 16.48 6.55
C GLU B 286 -23.46 15.15 5.94
N HIS B 287 -22.77 14.79 4.86
CA HIS B 287 -23.04 13.56 4.13
C HIS B 287 -23.09 12.30 5.00
N TYR B 288 -22.21 12.20 5.98
CA TYR B 288 -22.19 11.02 6.82
C TYR B 288 -23.26 10.99 7.90
N LEU B 289 -23.83 12.14 8.21
CA LEU B 289 -24.86 12.19 9.24
C LEU B 289 -26.09 11.43 8.74
N ALA B 290 -26.10 11.14 7.44
CA ALA B 290 -27.21 10.44 6.80
C ALA B 290 -27.02 8.94 6.67
N LEU B 291 -25.77 8.48 6.76
CA LEU B 291 -25.50 7.06 6.62
C LEU B 291 -26.24 6.16 7.62
N PRO B 292 -26.40 6.59 8.88
CA PRO B 292 -27.10 5.75 9.86
C PRO B 292 -28.52 5.40 9.40
N ASP B 293 -29.28 6.42 9.02
CA ASP B 293 -30.65 6.19 8.54
C ASP B 293 -30.63 5.40 7.24
N PHE B 294 -29.67 5.71 6.38
CA PHE B 294 -29.51 5.03 5.09
C PHE B 294 -29.36 3.52 5.25
N TYR B 295 -28.55 3.11 6.22
CA TYR B 295 -28.32 1.69 6.47
C TYR B 295 -29.35 1.05 7.41
N ARG B 296 -30.01 1.86 8.24
CA ARG B 296 -31.01 1.31 9.18
C ARG B 296 -32.20 0.79 8.37
N GLN B 297 -32.51 1.51 7.29
CA GLN B 297 -33.61 1.16 6.39
C GLN B 297 -33.33 -0.22 5.78
N LYS B 298 -32.10 -0.39 5.30
CA LYS B 298 -31.68 -1.65 4.69
C LYS B 298 -31.65 -2.76 5.71
N ARG B 299 -31.19 -2.45 6.92
CA ARG B 299 -31.11 -3.43 7.97
C ARG B 299 -32.49 -4.04 8.29
N ASP B 300 -33.49 -3.17 8.44
CA ASP B 300 -34.83 -3.63 8.78
C ASP B 300 -35.49 -4.53 7.73
N ILE B 301 -35.06 -4.42 6.49
CA ILE B 301 -35.63 -5.26 5.44
C ILE B 301 -35.34 -6.72 5.77
N LEU B 302 -34.13 -6.96 6.25
CA LEU B 302 -33.68 -8.29 6.62
C LEU B 302 -34.25 -8.69 7.97
N VAL B 303 -34.31 -7.73 8.89
CA VAL B 303 -34.82 -7.96 10.24
C VAL B 303 -36.30 -8.35 10.22
N ASN B 304 -37.11 -7.61 9.47
CA ASN B 304 -38.54 -7.91 9.40
C ASN B 304 -38.79 -9.27 8.79
N ALA B 305 -37.96 -9.68 7.82
CA ALA B 305 -38.13 -10.97 7.17
C ALA B 305 -37.76 -12.10 8.11
N LEU B 306 -36.73 -11.87 8.90
CA LEU B 306 -36.28 -12.88 9.84
C LEU B 306 -37.23 -13.05 11.03
N ASN B 307 -38.07 -12.05 11.28
CA ASN B 307 -39.02 -12.15 12.38
C ASN B 307 -40.18 -13.09 12.00
N GLU B 308 -40.30 -13.39 10.72
CA GLU B 308 -41.34 -14.31 10.25
C GLU B 308 -40.68 -15.64 9.93
N SER B 309 -39.40 -15.74 10.28
CA SER B 309 -38.61 -16.93 10.04
C SER B 309 -38.25 -17.62 11.35
N ARG B 310 -37.93 -18.91 11.29
CA ARG B 310 -37.52 -19.64 12.49
C ARG B 310 -36.11 -19.20 12.91
N LEU B 311 -35.44 -18.45 12.03
CA LEU B 311 -34.11 -17.92 12.32
C LEU B 311 -34.32 -16.78 13.30
N GLU B 312 -33.33 -16.53 14.16
CA GLU B 312 -33.44 -15.45 15.12
C GLU B 312 -32.35 -14.41 14.88
N ILE B 313 -32.68 -13.16 15.19
CA ILE B 313 -31.74 -12.06 14.99
C ILE B 313 -31.15 -11.54 16.30
N LEU B 314 -29.87 -11.16 16.22
CA LEU B 314 -29.21 -10.59 17.38
C LEU B 314 -29.27 -9.08 17.15
N PRO B 315 -29.14 -8.28 18.21
CA PRO B 315 -29.18 -6.82 18.05
C PRO B 315 -28.04 -6.26 17.19
N CYS B 316 -28.40 -5.46 16.20
CA CYS B 316 -27.42 -4.83 15.32
C CYS B 316 -27.30 -3.37 15.73
N GLU B 317 -26.16 -3.00 16.32
CA GLU B 317 -25.94 -1.63 16.76
C GLU B 317 -25.12 -0.83 15.75
N GLY B 318 -24.29 -1.52 14.96
CA GLY B 318 -23.46 -0.84 13.99
C GLY B 318 -22.96 -1.74 12.88
N THR B 319 -22.21 -1.14 11.95
CA THR B 319 -21.67 -1.81 10.77
C THR B 319 -22.87 -2.18 9.92
N TYR B 320 -22.62 -2.65 8.70
CA TYR B 320 -23.73 -3.04 7.85
C TYR B 320 -23.82 -4.57 7.77
N PHE B 321 -23.47 -5.20 8.88
CA PHE B 321 -23.52 -6.65 9.03
C PHE B 321 -24.58 -6.99 10.06
N LEU B 322 -25.11 -8.19 9.98
CA LEU B 322 -26.16 -8.64 10.90
C LEU B 322 -25.84 -10.07 11.30
N LEU B 323 -26.10 -10.41 12.56
CA LEU B 323 -25.85 -11.77 13.02
C LEU B 323 -27.18 -12.51 13.15
N VAL B 324 -27.20 -13.74 12.68
CA VAL B 324 -28.41 -14.57 12.72
C VAL B 324 -28.14 -15.91 13.40
N ASP B 325 -29.04 -16.29 14.31
CA ASP B 325 -28.89 -17.57 15.01
C ASP B 325 -29.83 -18.55 14.32
N TYR B 326 -29.29 -19.65 13.82
CA TYR B 326 -30.12 -20.64 13.13
C TYR B 326 -30.40 -21.90 13.93
N SER B 327 -30.24 -21.83 15.25
CA SER B 327 -30.47 -22.99 16.11
C SER B 327 -31.77 -23.76 15.86
N ALA B 328 -32.88 -23.04 15.87
CA ALA B 328 -34.19 -23.64 15.66
C ALA B 328 -34.34 -24.35 14.33
N VAL B 329 -33.54 -23.93 13.35
CA VAL B 329 -33.62 -24.49 12.01
C VAL B 329 -32.70 -25.65 11.66
N SER B 330 -31.50 -25.69 12.22
CA SER B 330 -30.59 -26.77 11.90
C SER B 330 -29.64 -27.13 13.02
N THR B 331 -29.01 -28.30 12.87
CA THR B 331 -28.08 -28.79 13.87
C THR B 331 -26.63 -28.80 13.35
N LEU B 332 -26.46 -28.45 12.08
CA LEU B 332 -25.13 -28.41 11.45
C LEU B 332 -24.29 -27.30 12.07
N ASP B 333 -22.97 -27.36 11.86
CA ASP B 333 -22.07 -26.33 12.37
C ASP B 333 -22.13 -25.20 11.35
N ASP B 334 -21.84 -23.97 11.79
CA ASP B 334 -21.94 -22.82 10.91
C ASP B 334 -21.32 -22.89 9.51
N VAL B 335 -20.10 -23.38 9.39
CA VAL B 335 -19.48 -23.46 8.07
C VAL B 335 -20.36 -24.22 7.10
N GLU B 336 -20.65 -25.47 7.45
CA GLU B 336 -21.45 -26.33 6.60
C GLU B 336 -22.93 -25.95 6.55
N PHE B 337 -23.39 -25.18 7.53
CA PHE B 337 -24.77 -24.74 7.49
C PHE B 337 -24.84 -23.72 6.36
N CYS B 338 -23.86 -22.82 6.30
CA CYS B 338 -23.85 -21.81 5.25
C CYS B 338 -23.80 -22.44 3.86
N GLN B 339 -23.11 -23.59 3.75
CA GLN B 339 -23.02 -24.30 2.48
C GLN B 339 -24.40 -24.87 2.18
N TRP B 340 -25.06 -25.35 3.22
CA TRP B 340 -26.40 -25.88 3.08
C TRP B 340 -27.35 -24.75 2.69
N LEU B 341 -27.25 -23.63 3.41
CA LEU B 341 -28.10 -22.47 3.16
C LEU B 341 -27.98 -22.01 1.71
N THR B 342 -26.75 -21.83 1.25
CA THR B 342 -26.49 -21.38 -0.13
C THR B 342 -27.09 -22.33 -1.16
N GLN B 343 -26.89 -23.62 -0.92
CA GLN B 343 -27.33 -24.67 -1.81
C GLN B 343 -28.83 -25.01 -1.77
N GLU B 344 -29.45 -24.88 -0.61
CA GLU B 344 -30.87 -25.20 -0.45
C GLU B 344 -31.85 -24.03 -0.44
N HIS B 345 -31.38 -22.83 -0.11
CA HIS B 345 -32.26 -21.68 -0.06
C HIS B 345 -31.72 -20.47 -0.81
N GLY B 346 -30.63 -20.69 -1.55
CA GLY B 346 -30.03 -19.63 -2.34
C GLY B 346 -29.69 -18.33 -1.63
N VAL B 347 -29.09 -18.45 -0.45
CA VAL B 347 -28.69 -17.28 0.32
C VAL B 347 -27.31 -17.57 0.87
N ALA B 348 -26.32 -16.79 0.43
CA ALA B 348 -24.95 -16.96 0.89
C ALA B 348 -24.63 -16.06 2.07
N ALA B 349 -24.01 -16.65 3.09
CA ALA B 349 -23.63 -15.94 4.29
C ALA B 349 -22.25 -16.43 4.69
N ILE B 350 -21.71 -15.85 5.75
CA ILE B 350 -20.39 -16.22 6.26
C ILE B 350 -20.50 -16.77 7.66
N PRO B 351 -19.94 -17.97 7.91
CA PRO B 351 -20.03 -18.55 9.25
C PRO B 351 -19.17 -17.69 10.17
N LEU B 352 -19.64 -17.45 11.39
CA LEU B 352 -18.92 -16.61 12.32
C LEU B 352 -17.64 -17.27 12.81
N SER B 353 -17.51 -18.58 12.59
CA SER B 353 -16.33 -19.33 13.02
C SER B 353 -15.03 -18.94 12.30
N VAL B 354 -15.13 -18.44 11.08
CA VAL B 354 -13.94 -18.06 10.33
C VAL B 354 -13.31 -16.78 10.90
N PHE B 355 -14.02 -16.11 11.79
CA PHE B 355 -13.56 -14.88 12.41
C PHE B 355 -12.95 -15.17 13.78
N CYS B 356 -13.03 -16.42 14.19
CA CYS B 356 -12.51 -16.86 15.48
C CYS B 356 -11.30 -17.77 15.35
N ALA B 357 -10.33 -17.57 16.24
CA ALA B 357 -9.11 -18.37 16.26
C ALA B 357 -9.38 -19.68 16.99
N ASP B 358 -10.17 -19.58 18.06
CA ASP B 358 -10.51 -20.74 18.87
C ASP B 358 -11.95 -21.17 18.60
N PRO B 359 -12.29 -22.43 18.90
CA PRO B 359 -13.65 -22.94 18.68
C PRO B 359 -14.75 -21.98 19.15
N PHE B 360 -15.75 -21.82 18.30
CA PHE B 360 -16.89 -20.94 18.58
C PHE B 360 -18.09 -21.89 18.64
N PRO B 361 -18.53 -22.24 19.87
CA PRO B 361 -19.67 -23.14 20.11
C PRO B 361 -21.01 -22.44 19.97
N HIS B 362 -21.34 -22.01 18.75
CA HIS B 362 -22.59 -21.30 18.51
C HIS B 362 -23.08 -21.53 17.09
N LYS B 363 -24.34 -21.18 16.83
CA LYS B 363 -24.90 -21.34 15.49
C LYS B 363 -25.23 -19.96 14.94
N LEU B 364 -24.17 -19.20 14.69
CA LEU B 364 -24.28 -17.84 14.20
C LEU B 364 -23.63 -17.68 12.83
N ILE B 365 -24.25 -16.86 11.99
CA ILE B 365 -23.71 -16.58 10.65
C ILE B 365 -23.82 -15.07 10.48
N ARG B 366 -22.96 -14.52 9.62
CA ARG B 366 -22.97 -13.09 9.39
C ARG B 366 -23.57 -12.76 8.03
N LEU B 367 -24.47 -11.78 8.02
CA LEU B 367 -25.11 -11.36 6.78
C LEU B 367 -24.76 -9.88 6.57
N CYS B 368 -24.52 -9.51 5.32
CA CYS B 368 -24.20 -8.14 4.99
C CYS B 368 -25.42 -7.55 4.29
N PHE B 369 -25.91 -6.41 4.78
CA PHE B 369 -27.07 -5.78 4.18
C PHE B 369 -26.72 -4.52 3.39
N ALA B 370 -25.44 -4.37 3.06
CA ALA B 370 -24.99 -3.23 2.27
C ALA B 370 -25.23 -3.65 0.84
N LYS B 371 -26.51 -3.79 0.50
CA LYS B 371 -26.91 -4.23 -0.84
C LYS B 371 -28.07 -3.40 -1.35
N LYS B 372 -28.35 -3.56 -2.64
CA LYS B 372 -29.46 -2.87 -3.27
C LYS B 372 -30.76 -3.39 -2.67
N GLU B 373 -31.80 -2.57 -2.73
CA GLU B 373 -33.10 -2.96 -2.18
C GLU B 373 -33.54 -4.28 -2.79
N SER B 374 -33.41 -4.42 -4.10
CA SER B 374 -33.82 -5.65 -4.77
C SER B 374 -33.08 -6.88 -4.25
N THR B 375 -31.82 -6.72 -3.87
CA THR B 375 -31.03 -7.84 -3.34
C THR B 375 -31.57 -8.23 -1.95
N LEU B 376 -31.78 -7.23 -1.11
CA LEU B 376 -32.30 -7.46 0.24
C LEU B 376 -33.69 -8.08 0.21
N LEU B 377 -34.54 -7.63 -0.72
CA LEU B 377 -35.88 -8.18 -0.81
C LEU B 377 -35.84 -9.65 -1.26
N ALA B 378 -34.96 -9.95 -2.22
CA ALA B 378 -34.84 -11.31 -2.72
C ALA B 378 -34.31 -12.19 -1.60
N ALA B 379 -33.38 -11.65 -0.82
CA ALA B 379 -32.81 -12.40 0.30
C ALA B 379 -33.89 -12.63 1.37
N ALA B 380 -34.68 -11.60 1.63
CA ALA B 380 -35.75 -11.66 2.62
C ALA B 380 -36.76 -12.78 2.31
N GLU B 381 -37.10 -12.90 1.03
CA GLU B 381 -38.05 -13.90 0.56
C GLU B 381 -37.52 -15.32 0.78
N ARG B 382 -36.21 -15.51 0.57
CA ARG B 382 -35.61 -16.82 0.75
C ARG B 382 -35.39 -17.15 2.22
N LEU B 383 -35.09 -16.13 3.03
CA LEU B 383 -34.89 -16.34 4.45
C LEU B 383 -36.20 -16.73 5.13
N ARG B 384 -37.32 -16.32 4.55
CA ARG B 384 -38.63 -16.60 5.10
C ARG B 384 -39.09 -18.04 4.83
N GLN B 385 -38.26 -18.82 4.12
CA GLN B 385 -38.60 -20.20 3.81
C GLN B 385 -38.13 -21.12 4.93
N LEU B 386 -37.35 -20.57 5.86
CA LEU B 386 -36.85 -21.34 6.98
C LEU B 386 -37.71 -21.07 8.22
N1 PLP C . 12.38 1.75 -7.56
C2 PLP C . 13.15 2.77 -8.12
C2A PLP C . 14.58 2.39 -8.51
C3 PLP C . 12.57 4.02 -8.27
O3 PLP C . 13.36 4.99 -8.81
C4 PLP C . 11.24 4.29 -7.87
C4A PLP C . 10.61 5.68 -8.02
C5 PLP C . 10.46 3.26 -7.31
C6 PLP C . 11.08 2.01 -7.17
C5A PLP C . 9.02 3.38 -6.83
O4P PLP C . 8.01 2.84 -7.65
P PLP C . 6.49 3.17 -7.44
O1P PLP C . 5.83 2.38 -8.51
O2P PLP C . 6.33 4.63 -7.68
O3P PLP C . 6.08 2.76 -6.10
N1 PLP D . -11.36 -2.93 9.35
C2 PLP D . -12.50 -3.67 9.17
C2A PLP D . -13.15 -4.18 10.46
C3 PLP D . -12.95 -3.87 7.88
O3 PLP D . -14.10 -4.63 7.74
C4 PLP D . -12.28 -3.36 6.75
C4A PLP D . -12.79 -3.62 5.34
C5 PLP D . -11.10 -2.58 6.93
C6 PLP D . -10.70 -2.42 8.25
C5A PLP D . -10.20 -1.91 5.87
O4P PLP D . -10.64 -1.77 4.53
P PLP D . -9.98 -0.72 3.55
O1P PLP D . -10.74 -0.98 2.30
O2P PLP D . -8.54 -1.08 3.44
O3P PLP D . -10.18 0.65 4.00
#